data_5AFM
#
_entry.id   5AFM
#
_cell.length_a   75.700
_cell.length_b   119.600
_cell.length_c   143.300
_cell.angle_alpha   90.00
_cell.angle_beta   90.00
_cell.angle_gamma   90.00
#
_symmetry.space_group_name_H-M   'P 21 21 21'
#
loop_
_entity.id
_entity.type
_entity.pdbx_description
1 polymer 'ACETYLCHOLINE-BINDING PROTEIN, NEURONAL ACETYLCHOLINE RECEPTOR SUBUNIT ALPHA-7'
2 polymer 'ACETYLCHOLINE-BINDING PROTEIN, NEURONAL ACETYLCHOLINE RECEPTOR SUBUNIT ALPHA-7'
3 non-polymer 2-acetamido-2-deoxy-beta-D-glucopyranose
4 non-polymer Alpha-Lobeline
5 non-polymer GLYCEROL
6 non-polymer 4,5-dibromo-N-(3-hydroxypropyl)-1H-pyrrole-2-carboxamide
7 water water
#
loop_
_entity_poly.entity_id
_entity_poly.type
_entity_poly.pdbx_seq_one_letter_code
_entity_poly.pdbx_strand_id
1 'polypeptide(L)'
;GEFQRKLYKELVKNYNPDVIPTQRDRPVTVYFSLSLLQIMDVDEKNQVVDVVFWLQMSWTDHYLQWNVSEYPGVKQVSVP
ISSLWVPDLAAYNAISKPEVLTPQLALVNSSGHVQYLPSIRQRFSCDVSGVDTESGATCKLKFGSWTHHSRELDLQMQEA
DISGYIPYSRFELVGVTQKRSERFYECCKEPYPDVTFTVTFRKKG
;
A,C,D,E
2 'polypeptide(L)'
;GEFQRKLYKELVKNYNPDVIPTQRDRPVTVYFSLSLLQIMDVDEKNQVVDVVFWLQMSWTDHYLQWNVSEYPGVKQVSVP
ISSLWVPDLAAYNAISKPEVLTPQLALVNSSGHVQYLPSIRQRFSCDVSGVDTESGATCKLKFGSWTHHSRELDLQMQEA
DISGYIPYSRFELVGVTQKRSERFYECCKEPYPDVTFTVTFRKKGRS
;
B
#
# COMPACT_ATOMS: atom_id res chain seq x y z
N GLY A 1 12.42 -11.24 28.85
CA GLY A 1 13.49 -12.19 29.12
C GLY A 1 14.79 -11.93 28.38
N GLU A 2 15.92 -12.36 28.99
CA GLU A 2 17.25 -12.28 28.41
C GLU A 2 17.59 -13.59 27.65
N PHE A 3 16.69 -14.59 27.76
CA PHE A 3 16.79 -15.87 27.04
C PHE A 3 15.99 -15.78 25.78
N GLN A 4 14.89 -15.01 25.84
CA GLN A 4 13.96 -14.72 24.77
C GLN A 4 14.71 -13.93 23.72
N ARG A 5 15.50 -12.92 24.17
CA ARG A 5 16.30 -12.10 23.27
C ARG A 5 17.34 -12.94 22.55
N LYS A 6 18.00 -13.87 23.27
CA LYS A 6 18.99 -14.79 22.68
C LYS A 6 18.28 -15.83 21.80
N LEU A 7 17.08 -16.30 22.21
CA LEU A 7 16.31 -17.25 21.42
C LEU A 7 15.99 -16.69 20.05
N TYR A 8 15.49 -15.46 19.97
CA TYR A 8 15.18 -14.81 18.69
C TYR A 8 16.41 -14.70 17.79
N LYS A 9 17.61 -14.49 18.36
CA LYS A 9 18.84 -14.36 17.57
C LYS A 9 19.17 -15.68 16.90
N GLU A 10 19.02 -16.82 17.65
CA GLU A 10 19.25 -18.19 17.18
C GLU A 10 18.12 -18.68 16.24
N LEU A 11 16.84 -18.46 16.62
CA LEU A 11 15.66 -18.82 15.81
C LEU A 11 15.67 -18.07 14.43
N VAL A 12 16.64 -17.17 14.24
CA VAL A 12 16.84 -16.40 13.02
C VAL A 12 18.08 -16.90 12.28
N LYS A 13 19.20 -17.12 13.03
CA LYS A 13 20.52 -17.54 12.54
C LYS A 13 20.56 -18.22 11.17
N ASN A 14 19.93 -19.39 11.04
CA ASN A 14 19.92 -20.07 9.77
C ASN A 14 18.51 -20.40 9.26
N TYR A 15 17.55 -19.53 9.57
CA TYR A 15 16.17 -19.77 9.19
C TYR A 15 15.75 -19.07 7.90
N ASN A 16 15.19 -19.85 6.96
CA ASN A 16 14.69 -19.35 5.69
C ASN A 16 13.18 -19.54 5.66
N PRO A 17 12.37 -18.44 5.75
CA PRO A 17 10.90 -18.63 5.73
C PRO A 17 10.33 -19.12 4.39
N ASP A 18 11.14 -19.16 3.31
CA ASP A 18 10.68 -19.62 2.00
C ASP A 18 10.66 -21.13 1.86
N VAL A 19 11.31 -21.84 2.81
CA VAL A 19 11.46 -23.31 2.83
C VAL A 19 10.37 -24.01 3.65
N ILE A 20 9.62 -24.94 3.02
CA ILE A 20 8.59 -25.72 3.71
C ILE A 20 9.31 -26.69 4.69
N PRO A 21 8.98 -26.71 6.00
CA PRO A 21 9.74 -27.52 6.93
C PRO A 21 9.40 -28.99 6.97
N THR A 22 9.45 -29.65 5.80
CA THR A 22 9.23 -31.09 5.67
C THR A 22 10.48 -31.78 6.19
N GLN A 23 10.30 -32.90 6.90
CA GLN A 23 11.44 -33.68 7.38
C GLN A 23 11.38 -35.13 6.96
N ARG A 24 12.38 -35.51 6.16
CA ARG A 24 12.67 -36.83 5.58
C ARG A 24 11.46 -37.72 5.24
N ASP A 25 10.93 -37.59 4.00
CA ASP A 25 9.78 -38.35 3.46
C ASP A 25 8.43 -38.10 4.17
N ARG A 26 8.32 -37.03 4.97
CA ARG A 26 7.08 -36.69 5.67
C ARG A 26 6.57 -35.30 5.31
N PRO A 27 5.25 -35.17 4.98
CA PRO A 27 4.69 -33.84 4.71
C PRO A 27 4.51 -33.05 6.00
N VAL A 28 4.33 -31.73 5.88
CA VAL A 28 4.03 -30.88 7.01
C VAL A 28 2.52 -30.96 7.13
N THR A 29 2.03 -31.45 8.26
CA THR A 29 0.59 -31.48 8.41
C THR A 29 0.10 -30.18 8.98
N VAL A 30 -0.77 -29.48 8.23
CA VAL A 30 -1.36 -28.23 8.68
C VAL A 30 -2.83 -28.38 9.03
N TYR A 31 -3.17 -28.02 10.27
CA TYR A 31 -4.53 -28.06 10.80
C TYR A 31 -5.21 -26.77 10.44
N PHE A 32 -6.43 -26.86 9.94
CA PHE A 32 -7.15 -25.70 9.43
C PHE A 32 -8.64 -25.72 9.77
N SER A 33 -9.22 -24.53 10.00
CA SER A 33 -10.66 -24.34 10.21
C SER A 33 -10.94 -22.87 10.14
N LEU A 34 -12.10 -22.54 9.53
CA LEU A 34 -12.69 -21.22 9.37
C LEU A 34 -13.90 -21.16 10.29
N SER A 35 -14.18 -19.94 10.79
CA SER A 35 -15.36 -19.63 11.59
C SER A 35 -15.93 -18.32 11.07
N LEU A 36 -17.13 -18.39 10.49
CA LEU A 36 -17.86 -17.23 9.93
C LEU A 36 -18.31 -16.35 11.08
N LEU A 37 -17.72 -15.16 11.16
CA LEU A 37 -18.02 -14.21 12.23
C LEU A 37 -19.15 -13.30 11.82
N GLN A 38 -19.15 -12.85 10.55
CA GLN A 38 -20.22 -12.01 10.02
C GLN A 38 -20.23 -12.03 8.50
N ILE A 39 -21.45 -12.00 7.91
CA ILE A 39 -21.63 -11.83 6.47
C ILE A 39 -21.91 -10.31 6.40
N MET A 40 -20.92 -9.54 5.92
CA MET A 40 -21.02 -8.08 5.85
C MET A 40 -22.10 -7.60 4.88
N ASP A 41 -22.04 -8.11 3.62
CA ASP A 41 -22.97 -7.73 2.54
C ASP A 41 -22.98 -8.82 1.49
N VAL A 42 -23.96 -8.72 0.57
CA VAL A 42 -24.11 -9.56 -0.62
C VAL A 42 -24.32 -8.64 -1.81
N ASP A 43 -23.77 -8.99 -2.97
CA ASP A 43 -24.00 -8.19 -4.17
C ASP A 43 -24.76 -9.13 -5.08
N GLU A 44 -26.08 -8.95 -5.16
CA GLU A 44 -26.95 -9.81 -5.96
C GLU A 44 -26.71 -9.66 -7.44
N LYS A 45 -26.26 -8.47 -7.87
CA LYS A 45 -25.96 -8.13 -9.26
C LYS A 45 -24.66 -8.82 -9.68
N ASN A 46 -23.54 -8.52 -8.97
CA ASN A 46 -22.20 -9.03 -9.25
C ASN A 46 -21.90 -10.44 -8.74
N GLN A 47 -22.81 -11.04 -7.96
CA GLN A 47 -22.70 -12.39 -7.40
C GLN A 47 -21.48 -12.55 -6.52
N VAL A 48 -21.48 -11.81 -5.38
CA VAL A 48 -20.39 -11.78 -4.39
C VAL A 48 -20.88 -11.75 -2.93
N VAL A 49 -20.06 -12.28 -1.98
CA VAL A 49 -20.28 -12.22 -0.54
C VAL A 49 -19.12 -11.51 0.09
N ASP A 50 -19.41 -10.57 1.00
CA ASP A 50 -18.40 -9.84 1.77
C ASP A 50 -18.52 -10.45 3.13
N VAL A 51 -17.48 -11.14 3.56
CA VAL A 51 -17.49 -11.96 4.75
C VAL A 51 -16.29 -11.73 5.68
N VAL A 52 -16.49 -11.89 7.00
CA VAL A 52 -15.46 -11.80 8.02
C VAL A 52 -15.31 -13.19 8.65
N PHE A 53 -14.13 -13.79 8.46
CA PHE A 53 -13.76 -15.12 8.95
C PHE A 53 -12.73 -15.05 10.02
N TRP A 54 -12.73 -16.02 10.96
CA TRP A 54 -11.66 -16.26 11.90
C TRP A 54 -11.01 -17.56 11.45
N LEU A 55 -9.73 -17.50 11.10
CA LEU A 55 -8.92 -18.62 10.64
C LEU A 55 -8.12 -19.20 11.79
N GLN A 56 -8.10 -20.50 11.87
CA GLN A 56 -7.31 -21.17 12.87
C GLN A 56 -6.39 -22.12 12.12
N MET A 57 -5.19 -21.69 11.85
CA MET A 57 -4.22 -22.52 11.16
C MET A 57 -3.14 -22.88 12.15
N SER A 58 -2.68 -24.13 12.10
CA SER A 58 -1.64 -24.55 13.05
C SER A 58 -0.85 -25.68 12.49
N TRP A 59 0.47 -25.65 12.68
CA TRP A 59 1.38 -26.65 12.13
C TRP A 59 2.67 -26.87 12.94
N THR A 60 3.52 -27.80 12.52
CA THR A 60 4.75 -28.00 13.25
C THR A 60 5.99 -27.78 12.39
N ASP A 61 6.79 -26.78 12.78
CA ASP A 61 8.06 -26.48 12.14
C ASP A 61 9.19 -27.05 13.03
N HIS A 62 9.91 -28.07 12.54
CA HIS A 62 11.01 -28.68 13.30
C HIS A 62 12.23 -27.77 13.45
N TYR A 63 12.41 -26.77 12.56
CA TYR A 63 13.54 -25.83 12.63
C TYR A 63 13.33 -24.78 13.70
N LEU A 64 12.09 -24.68 14.22
CA LEU A 64 11.76 -23.71 15.26
C LEU A 64 11.80 -24.26 16.68
N GLN A 65 12.08 -25.57 16.87
CA GLN A 65 12.12 -26.15 18.22
C GLN A 65 13.40 -25.77 18.98
N TRP A 66 13.30 -25.71 20.32
CA TRP A 66 14.43 -25.38 21.18
C TRP A 66 14.40 -26.17 22.50
N ASN A 67 15.59 -26.33 23.13
CA ASN A 67 15.74 -26.99 24.42
C ASN A 67 15.40 -25.97 25.52
N VAL A 68 14.30 -26.22 26.26
CA VAL A 68 13.81 -25.33 27.33
C VAL A 68 14.85 -25.15 28.43
N SER A 69 15.81 -26.09 28.54
CA SER A 69 16.91 -26.05 29.50
C SER A 69 17.90 -24.96 29.08
N GLU A 70 18.10 -24.77 27.76
CA GLU A 70 19.00 -23.77 27.21
C GLU A 70 18.43 -22.35 27.36
N TYR A 71 17.09 -22.23 27.38
CA TYR A 71 16.33 -20.97 27.51
C TYR A 71 15.25 -21.12 28.61
N PRO A 72 15.68 -21.12 29.92
CA PRO A 72 14.74 -21.38 31.04
C PRO A 72 13.28 -20.97 30.96
N GLY A 73 12.98 -19.68 31.17
CA GLY A 73 11.62 -19.17 31.20
C GLY A 73 10.78 -19.41 29.95
N VAL A 74 11.42 -19.34 28.78
CA VAL A 74 10.85 -19.42 27.45
C VAL A 74 10.08 -20.69 27.10
N LYS A 75 8.74 -20.64 27.26
CA LYS A 75 7.81 -21.72 26.94
C LYS A 75 7.26 -21.51 25.54
N GLN A 76 6.92 -20.26 25.21
CA GLN A 76 6.42 -19.81 23.89
C GLN A 76 6.85 -18.36 23.58
N VAL A 77 6.76 -17.98 22.31
CA VAL A 77 7.11 -16.64 21.82
C VAL A 77 6.18 -16.21 20.71
N SER A 78 5.90 -14.88 20.60
CA SER A 78 5.08 -14.27 19.54
C SER A 78 6.01 -13.83 18.43
N VAL A 79 5.96 -14.54 17.30
CA VAL A 79 6.84 -14.22 16.20
C VAL A 79 6.02 -13.57 15.08
N PRO A 80 6.54 -12.49 14.42
CA PRO A 80 5.80 -11.94 13.26
C PRO A 80 5.76 -13.01 12.14
N ILE A 81 4.58 -13.22 11.51
CA ILE A 81 4.44 -14.18 10.42
C ILE A 81 5.46 -14.01 9.29
N SER A 82 5.90 -12.78 9.05
CA SER A 82 6.87 -12.53 7.99
C SER A 82 8.22 -13.21 8.28
N SER A 83 8.51 -13.49 9.57
CA SER A 83 9.77 -14.12 10.01
C SER A 83 9.75 -15.61 9.85
N LEU A 84 8.57 -16.20 9.63
CA LEU A 84 8.51 -17.66 9.53
C LEU A 84 7.72 -18.25 8.37
N TRP A 85 7.98 -19.53 8.03
CA TRP A 85 7.27 -20.21 6.95
C TRP A 85 5.81 -20.36 7.36
N VAL A 86 4.91 -19.92 6.47
CA VAL A 86 3.47 -20.05 6.69
C VAL A 86 2.89 -20.80 5.48
N PRO A 87 1.89 -21.68 5.67
CA PRO A 87 1.30 -22.37 4.53
C PRO A 87 0.77 -21.38 3.50
N ASP A 88 1.02 -21.66 2.21
CA ASP A 88 0.61 -20.84 1.08
C ASP A 88 -0.87 -21.09 0.72
N LEU A 89 -1.76 -20.92 1.70
CA LEU A 89 -3.20 -21.15 1.50
C LEU A 89 -3.89 -20.13 0.64
N ALA A 90 -4.48 -20.62 -0.44
CA ALA A 90 -5.22 -19.80 -1.39
C ALA A 90 -6.71 -19.93 -1.17
N ALA A 91 -7.44 -18.83 -1.35
CA ALA A 91 -8.89 -18.82 -1.31
C ALA A 91 -9.25 -18.89 -2.79
N TYR A 92 -9.64 -20.08 -3.24
CA TYR A 92 -9.93 -20.36 -4.64
C TYR A 92 -11.06 -19.50 -5.26
N ASN A 93 -12.01 -19.03 -4.45
CA ASN A 93 -13.15 -18.26 -4.94
C ASN A 93 -13.15 -16.82 -4.51
N ALA A 94 -12.00 -16.36 -4.00
CA ALA A 94 -11.83 -14.98 -3.59
C ALA A 94 -11.74 -14.12 -4.82
N ILE A 95 -12.43 -12.99 -4.77
CA ILE A 95 -12.45 -12.00 -5.84
C ILE A 95 -11.84 -10.67 -5.38
N SER A 96 -11.27 -10.66 -4.18
CA SER A 96 -10.57 -9.52 -3.58
C SER A 96 -9.42 -10.05 -2.72
N LYS A 97 -8.39 -9.23 -2.50
CA LYS A 97 -7.23 -9.57 -1.65
C LYS A 97 -7.70 -9.65 -0.18
N PRO A 98 -7.11 -10.50 0.69
CA PRO A 98 -7.59 -10.53 2.10
C PRO A 98 -7.17 -9.31 2.91
N GLU A 99 -8.08 -8.82 3.75
CA GLU A 99 -7.83 -7.71 4.65
C GLU A 99 -7.62 -8.39 6.03
N VAL A 100 -6.34 -8.45 6.54
CA VAL A 100 -6.17 -9.09 7.85
C VAL A 100 -6.32 -8.08 8.96
N LEU A 101 -7.38 -8.31 9.76
CA LEU A 101 -7.81 -7.41 10.82
C LEU A 101 -7.02 -7.47 12.11
N THR A 102 -6.48 -8.63 12.46
CA THR A 102 -5.73 -8.85 13.71
C THR A 102 -4.19 -8.63 13.60
N PRO A 103 -3.43 -8.44 14.72
CA PRO A 103 -1.96 -8.35 14.62
C PRO A 103 -1.35 -9.52 13.85
N GLN A 104 -0.41 -9.27 12.91
CA GLN A 104 0.16 -10.36 12.09
C GLN A 104 1.29 -11.11 12.79
N LEU A 105 0.93 -11.80 13.90
CA LEU A 105 1.80 -12.56 14.78
C LEU A 105 1.32 -13.97 14.93
N ALA A 106 2.25 -14.93 15.15
CA ALA A 106 1.94 -16.33 15.39
C ALA A 106 2.64 -16.72 16.69
N LEU A 107 2.02 -17.65 17.46
CA LEU A 107 2.60 -18.14 18.70
C LEU A 107 3.41 -19.41 18.40
N VAL A 108 4.55 -19.62 19.07
CA VAL A 108 5.35 -20.82 18.80
C VAL A 108 5.82 -21.57 20.06
N ASN A 109 5.56 -22.92 20.16
CA ASN A 109 5.96 -23.83 21.27
C ASN A 109 7.44 -24.10 21.25
N SER A 110 7.96 -24.66 22.36
CA SER A 110 9.34 -25.11 22.48
C SER A 110 9.59 -26.31 21.55
N SER A 111 8.50 -26.96 21.08
CA SER A 111 8.61 -28.04 20.10
C SER A 111 8.37 -27.55 18.66
N GLY A 112 8.19 -26.23 18.49
CA GLY A 112 8.03 -25.61 17.19
C GLY A 112 6.65 -25.72 16.59
N HIS A 113 5.64 -25.94 17.42
CA HIS A 113 4.28 -26.00 16.94
C HIS A 113 3.77 -24.56 16.89
N VAL A 114 3.54 -24.09 15.67
CA VAL A 114 3.13 -22.74 15.32
C VAL A 114 1.60 -22.66 15.30
N GLN A 115 1.04 -21.51 15.75
CA GLN A 115 -0.38 -21.21 15.78
C GLN A 115 -0.58 -19.80 15.22
N TYR A 116 -1.27 -19.70 14.07
CA TYR A 116 -1.60 -18.44 13.40
C TYR A 116 -3.12 -18.33 13.34
N LEU A 117 -3.71 -17.35 14.07
CA LEU A 117 -5.17 -17.25 14.21
C LEU A 117 -5.75 -15.95 13.73
N PRO A 118 -5.61 -15.60 12.42
CA PRO A 118 -6.09 -14.27 12.00
C PRO A 118 -7.58 -14.14 11.73
N SER A 119 -8.09 -12.91 11.82
CA SER A 119 -9.43 -12.52 11.38
C SER A 119 -9.20 -11.90 10.01
N ILE A 120 -9.87 -12.45 9.00
CA ILE A 120 -9.73 -11.95 7.66
C ILE A 120 -11.06 -11.43 7.15
N ARG A 121 -11.07 -10.31 6.44
CA ARG A 121 -12.24 -9.83 5.73
C ARG A 121 -11.91 -9.95 4.26
N GLN A 122 -12.75 -10.69 3.55
CA GLN A 122 -12.54 -10.95 2.13
C GLN A 122 -13.86 -11.07 1.40
N ARG A 123 -13.81 -10.77 0.09
CA ARG A 123 -14.94 -10.83 -0.81
C ARG A 123 -14.78 -12.06 -1.70
N PHE A 124 -15.82 -12.90 -1.76
CA PHE A 124 -15.83 -14.16 -2.51
C PHE A 124 -16.91 -14.20 -3.56
N SER A 125 -16.64 -14.90 -4.66
CA SER A 125 -17.62 -15.12 -5.71
C SER A 125 -18.58 -16.19 -5.20
N CYS A 126 -19.89 -15.91 -5.30
CA CYS A 126 -20.93 -16.78 -4.81
C CYS A 126 -22.28 -16.53 -5.49
N ASP A 127 -23.08 -17.60 -5.69
CA ASP A 127 -24.42 -17.45 -6.27
C ASP A 127 -25.37 -17.05 -5.14
N VAL A 128 -25.57 -15.74 -4.96
CA VAL A 128 -26.39 -15.18 -3.88
C VAL A 128 -27.86 -14.93 -4.28
N SER A 129 -28.26 -15.39 -5.48
CA SER A 129 -29.61 -15.19 -6.03
C SER A 129 -30.77 -15.60 -5.10
N GLY A 130 -30.60 -16.73 -4.40
CA GLY A 130 -31.62 -17.24 -3.49
C GLY A 130 -31.56 -16.74 -2.06
N VAL A 131 -30.87 -15.60 -1.80
CA VAL A 131 -30.74 -15.03 -0.44
C VAL A 131 -32.08 -14.63 0.21
N ASP A 132 -33.08 -14.24 -0.60
CA ASP A 132 -34.41 -13.82 -0.13
C ASP A 132 -35.42 -14.96 -0.02
N THR A 133 -34.96 -16.20 -0.26
CA THR A 133 -35.79 -17.41 -0.22
C THR A 133 -35.62 -18.15 1.11
N GLU A 134 -36.53 -19.09 1.44
CA GLU A 134 -36.47 -19.90 2.66
C GLU A 134 -35.32 -20.91 2.54
N SER A 135 -35.04 -21.39 1.32
CA SER A 135 -33.97 -22.32 0.97
C SER A 135 -32.64 -21.62 1.19
N GLY A 136 -32.58 -20.33 0.87
CA GLY A 136 -31.40 -19.50 1.04
C GLY A 136 -30.32 -19.69 -0.02
N ALA A 137 -29.29 -18.83 0.04
CA ALA A 137 -28.15 -18.85 -0.86
C ALA A 137 -27.06 -19.75 -0.30
N THR A 138 -26.34 -20.49 -1.17
CA THR A 138 -25.26 -21.38 -0.73
C THR A 138 -23.90 -20.98 -1.33
N CYS A 139 -22.89 -20.74 -0.48
CA CYS A 139 -21.53 -20.40 -0.93
C CYS A 139 -20.60 -21.54 -0.61
N LYS A 140 -19.94 -22.08 -1.63
CA LYS A 140 -18.96 -23.14 -1.45
C LYS A 140 -17.57 -22.48 -1.54
N LEU A 141 -17.05 -21.98 -0.40
CA LEU A 141 -15.72 -21.34 -0.31
C LEU A 141 -14.58 -22.38 -0.16
N LYS A 142 -13.83 -22.64 -1.27
CA LYS A 142 -12.70 -23.59 -1.35
C LYS A 142 -11.31 -22.92 -0.98
N PHE A 143 -10.49 -23.60 -0.17
CA PHE A 143 -9.18 -23.12 0.30
C PHE A 143 -8.16 -24.25 0.23
N GLY A 144 -6.92 -23.92 -0.11
CA GLY A 144 -5.87 -24.93 -0.19
C GLY A 144 -4.54 -24.36 -0.62
N SER A 145 -3.47 -25.14 -0.41
CA SER A 145 -2.10 -24.76 -0.83
C SER A 145 -2.11 -24.54 -2.33
N TRP A 146 -1.50 -23.47 -2.76
CA TRP A 146 -1.45 -23.10 -4.16
C TRP A 146 -0.35 -23.87 -4.87
N THR A 147 0.79 -24.10 -4.19
CA THR A 147 1.96 -24.73 -4.81
C THR A 147 2.40 -26.09 -4.24
N HIS A 148 1.89 -26.48 -3.05
CA HIS A 148 2.29 -27.74 -2.40
C HIS A 148 1.28 -28.84 -2.48
N HIS A 149 1.68 -30.04 -2.98
CA HIS A 149 0.79 -31.20 -3.05
C HIS A 149 0.73 -31.95 -1.71
N SER A 150 -0.14 -32.96 -1.62
CA SER A 150 -0.38 -33.84 -0.46
C SER A 150 0.88 -34.37 0.22
N ARG A 151 1.92 -34.76 -0.55
CA ARG A 151 3.13 -35.32 0.04
C ARG A 151 4.11 -34.29 0.65
N GLU A 152 3.85 -33.00 0.42
CA GLU A 152 4.61 -31.87 0.94
C GLU A 152 3.83 -31.19 2.07
N LEU A 153 2.55 -30.86 1.83
CA LEU A 153 1.69 -30.17 2.79
C LEU A 153 0.39 -30.93 2.92
N ASP A 154 0.17 -31.55 4.11
CA ASP A 154 -1.02 -32.32 4.42
C ASP A 154 -2.05 -31.45 5.15
N LEU A 155 -2.99 -30.88 4.41
CA LEU A 155 -4.08 -30.05 4.96
C LEU A 155 -5.03 -30.97 5.71
N GLN A 156 -5.34 -30.62 6.96
CA GLN A 156 -6.25 -31.37 7.78
C GLN A 156 -7.23 -30.44 8.42
N MET A 157 -8.47 -30.85 8.55
CA MET A 157 -9.48 -30.03 9.21
C MET A 157 -9.43 -30.20 10.70
N GLN A 158 -9.84 -29.13 11.42
CA GLN A 158 -10.06 -28.99 12.85
C GLN A 158 -11.56 -28.76 12.89
N GLU A 159 -12.25 -29.32 13.87
CA GLU A 159 -13.69 -29.14 13.97
C GLU A 159 -13.96 -27.72 14.49
N ALA A 160 -14.67 -26.87 13.70
CA ALA A 160 -15.07 -25.54 14.17
C ALA A 160 -16.60 -25.56 14.34
N ASP A 161 -17.12 -24.62 15.11
CA ASP A 161 -18.55 -24.50 15.37
C ASP A 161 -18.96 -23.13 14.87
N ILE A 162 -20.14 -22.68 15.29
CA ILE A 162 -20.64 -21.41 14.82
C ILE A 162 -21.08 -20.43 15.92
N SER A 163 -20.38 -20.51 17.06
CA SER A 163 -20.59 -19.68 18.22
C SER A 163 -20.09 -18.25 17.99
N GLY A 164 -19.12 -18.09 17.09
CA GLY A 164 -18.57 -16.77 16.78
C GLY A 164 -19.47 -15.87 15.95
N TYR A 165 -20.51 -16.46 15.32
CA TYR A 165 -21.44 -15.75 14.44
C TYR A 165 -22.16 -14.57 15.13
N ILE A 166 -22.09 -13.39 14.50
CA ILE A 166 -22.73 -12.18 14.99
C ILE A 166 -24.26 -12.30 14.99
N PRO A 167 -24.86 -12.14 16.20
CA PRO A 167 -26.31 -12.33 16.34
C PRO A 167 -27.18 -11.30 15.61
N TYR A 168 -26.74 -10.00 15.54
CA TYR A 168 -27.47 -8.96 14.81
C TYR A 168 -27.16 -9.16 13.32
N SER A 169 -27.38 -8.20 12.43
CA SER A 169 -27.13 -8.44 10.97
C SER A 169 -28.33 -9.07 10.27
N ARG A 170 -28.56 -8.68 9.01
CA ARG A 170 -29.66 -9.11 8.13
C ARG A 170 -29.67 -10.60 7.86
N PHE A 171 -28.52 -11.28 8.00
CA PHE A 171 -28.42 -12.68 7.60
C PHE A 171 -28.41 -13.71 8.68
N GLU A 172 -29.27 -14.72 8.53
CA GLU A 172 -29.31 -15.86 9.44
C GLU A 172 -28.71 -17.07 8.76
N LEU A 173 -28.06 -17.96 9.54
CA LEU A 173 -27.43 -19.19 9.03
C LEU A 173 -28.37 -20.38 8.92
N VAL A 174 -28.60 -20.89 7.72
CA VAL A 174 -29.41 -22.07 7.48
C VAL A 174 -28.57 -23.31 7.75
N GLY A 175 -27.32 -23.29 7.27
CA GLY A 175 -26.39 -24.40 7.46
C GLY A 175 -24.96 -24.06 7.15
N VAL A 176 -24.02 -24.68 7.88
CA VAL A 176 -22.58 -24.54 7.70
C VAL A 176 -21.95 -25.96 7.65
N THR A 177 -21.09 -26.20 6.63
CA THR A 177 -20.39 -27.47 6.41
C THR A 177 -18.92 -27.19 6.10
N GLN A 178 -18.04 -28.12 6.48
CA GLN A 178 -16.60 -28.11 6.23
C GLN A 178 -16.22 -29.52 5.80
N LYS A 179 -15.56 -29.66 4.66
CA LYS A 179 -15.15 -30.95 4.11
C LYS A 179 -13.74 -30.86 3.52
N ARG A 180 -12.87 -31.81 3.87
CA ARG A 180 -11.55 -31.85 3.27
C ARG A 180 -11.51 -32.84 2.11
N SER A 181 -10.89 -32.44 1.00
CA SER A 181 -10.81 -33.25 -0.19
C SER A 181 -9.41 -33.28 -0.75
N GLU A 182 -9.16 -34.13 -1.74
CA GLU A 182 -7.88 -34.28 -2.44
C GLU A 182 -8.24 -34.37 -3.90
N ARG A 183 -7.75 -33.41 -4.68
CA ARG A 183 -8.02 -33.31 -6.10
C ARG A 183 -6.79 -33.53 -6.94
N PHE A 184 -6.96 -34.09 -8.13
CA PHE A 184 -5.87 -34.29 -9.06
C PHE A 184 -6.04 -33.30 -10.20
N TYR A 185 -4.94 -32.72 -10.69
CA TYR A 185 -4.94 -31.78 -11.83
C TYR A 185 -4.14 -32.45 -13.00
N GLU A 186 -4.52 -32.22 -14.29
CA GLU A 186 -3.83 -32.80 -15.48
C GLU A 186 -2.29 -32.66 -15.42
N CYS A 187 -1.84 -31.56 -14.79
CA CYS A 187 -0.46 -31.14 -14.59
C CYS A 187 0.42 -32.10 -13.85
N CYS A 188 -0.10 -32.51 -12.70
CA CYS A 188 0.59 -33.12 -11.59
C CYS A 188 0.19 -34.55 -11.19
N LYS A 189 1.21 -35.44 -11.06
CA LYS A 189 1.09 -36.86 -10.66
C LYS A 189 0.67 -37.04 -9.19
N GLU A 190 0.97 -36.02 -8.36
CA GLU A 190 0.65 -35.95 -6.93
C GLU A 190 -0.57 -35.02 -6.76
N PRO A 191 -1.51 -35.33 -5.83
CA PRO A 191 -2.73 -34.52 -5.71
C PRO A 191 -2.65 -33.30 -4.77
N TYR A 192 -3.65 -32.41 -4.88
CA TYR A 192 -3.73 -31.20 -4.10
C TYR A 192 -4.93 -31.18 -3.09
N PRO A 193 -4.67 -31.33 -1.77
CA PRO A 193 -5.77 -31.30 -0.78
C PRO A 193 -6.37 -29.93 -0.60
N ASP A 194 -7.66 -29.86 -0.26
CA ASP A 194 -8.41 -28.62 -0.05
C ASP A 194 -9.48 -28.75 1.01
N VAL A 195 -9.85 -27.64 1.64
CA VAL A 195 -10.96 -27.60 2.61
C VAL A 195 -12.03 -26.68 2.02
N THR A 196 -13.26 -27.17 1.93
CA THR A 196 -14.36 -26.37 1.39
C THR A 196 -15.30 -26.06 2.53
N PHE A 197 -15.48 -24.77 2.75
CA PHE A 197 -16.39 -24.26 3.76
C PHE A 197 -17.68 -23.92 3.01
N THR A 198 -18.80 -24.58 3.36
CA THR A 198 -20.07 -24.35 2.67
C THR A 198 -21.07 -23.65 3.60
N VAL A 199 -21.60 -22.50 3.18
CA VAL A 199 -22.58 -21.73 3.96
C VAL A 199 -23.90 -21.65 3.25
N THR A 200 -24.99 -21.76 4.00
CA THR A 200 -26.33 -21.54 3.49
C THR A 200 -26.92 -20.47 4.40
N PHE A 201 -27.26 -19.32 3.83
CA PHE A 201 -27.76 -18.20 4.60
C PHE A 201 -28.95 -17.56 3.91
N ARG A 202 -29.68 -16.71 4.63
CA ARG A 202 -30.85 -16.02 4.10
C ARG A 202 -31.12 -14.73 4.85
N LYS A 203 -31.74 -13.77 4.15
CA LYS A 203 -32.14 -12.50 4.73
C LYS A 203 -33.24 -12.79 5.77
N LYS A 204 -33.09 -12.24 6.98
CA LYS A 204 -34.04 -12.40 8.09
C LYS A 204 -35.45 -11.85 7.74
N GLY A 205 -36.51 -12.52 8.20
CA GLY A 205 -37.89 -12.13 7.93
C GLY A 205 -38.27 -12.05 6.46
N GLY B 1 12.50 -29.02 3.84
CA GLY B 1 13.52 -30.00 3.47
C GLY B 1 14.94 -29.56 3.76
N GLU B 2 15.86 -30.53 3.97
CA GLU B 2 17.28 -30.27 4.29
C GLU B 2 18.16 -29.83 3.11
N PHE B 3 18.07 -30.57 1.99
CA PHE B 3 18.77 -30.28 0.75
C PHE B 3 18.16 -29.07 0.11
N GLN B 4 16.87 -28.86 0.41
CA GLN B 4 16.02 -27.76 -0.04
C GLN B 4 16.60 -26.46 0.53
N ARG B 5 16.95 -26.46 1.82
CA ARG B 5 17.58 -25.33 2.52
C ARG B 5 18.91 -24.97 1.83
N LYS B 6 19.74 -26.00 1.52
CA LYS B 6 21.05 -25.90 0.85
C LYS B 6 20.92 -25.41 -0.60
N LEU B 7 19.83 -25.80 -1.27
CA LEU B 7 19.53 -25.38 -2.63
C LEU B 7 19.12 -23.91 -2.68
N TYR B 8 18.18 -23.44 -1.80
CA TYR B 8 17.72 -22.03 -1.75
C TYR B 8 18.89 -21.05 -1.56
N LYS B 9 19.91 -21.45 -0.77
CA LYS B 9 21.11 -20.64 -0.55
C LYS B 9 21.90 -20.48 -1.85
N GLU B 10 22.04 -21.59 -2.62
CA GLU B 10 22.72 -21.65 -3.91
C GLU B 10 21.91 -20.97 -5.03
N LEU B 11 20.59 -21.26 -5.12
CA LEU B 11 19.65 -20.64 -6.09
C LEU B 11 19.55 -19.09 -5.89
N VAL B 12 20.24 -18.57 -4.86
CA VAL B 12 20.31 -17.16 -4.54
C VAL B 12 21.71 -16.63 -4.85
N LYS B 13 22.77 -17.38 -4.43
CA LYS B 13 24.21 -17.07 -4.54
C LYS B 13 24.60 -16.02 -5.58
N ASN B 14 24.39 -16.33 -6.87
CA ASN B 14 24.72 -15.37 -7.93
C ASN B 14 23.55 -15.08 -8.87
N TYR B 15 22.34 -15.09 -8.33
CA TYR B 15 21.14 -14.87 -9.14
C TYR B 15 20.64 -13.43 -9.11
N ASN B 16 20.43 -12.84 -10.30
CA ASN B 16 19.87 -11.50 -10.44
C ASN B 16 18.50 -11.61 -11.10
N PRO B 17 17.38 -11.34 -10.37
CA PRO B 17 16.05 -11.44 -11.02
C PRO B 17 15.75 -10.38 -12.10
N ASP B 18 16.59 -9.35 -12.21
CA ASP B 18 16.39 -8.29 -13.21
C ASP B 18 16.89 -8.69 -14.60
N VAL B 19 17.69 -9.77 -14.68
CA VAL B 19 18.31 -10.29 -15.90
C VAL B 19 17.44 -11.34 -16.61
N ILE B 20 17.10 -11.10 -17.89
CA ILE B 20 16.34 -12.06 -18.71
C ILE B 20 17.25 -13.27 -18.99
N PRO B 21 16.84 -14.52 -18.68
CA PRO B 21 17.77 -15.64 -18.82
C PRO B 21 17.95 -16.16 -20.24
N THR B 22 18.32 -15.27 -21.16
CA THR B 22 18.60 -15.66 -22.55
C THR B 22 19.94 -16.36 -22.58
N GLN B 23 20.06 -17.41 -23.40
CA GLN B 23 21.30 -18.18 -23.58
C GLN B 23 21.78 -18.04 -25.01
N ARG B 24 23.01 -17.52 -25.17
CA ARG B 24 23.74 -17.25 -26.42
C ARG B 24 22.94 -17.26 -27.73
N ASP B 25 22.41 -16.07 -28.12
CA ASP B 25 21.61 -15.84 -29.35
C ASP B 25 20.25 -16.58 -29.42
N ARG B 26 19.71 -16.96 -28.24
CA ARG B 26 18.42 -17.64 -28.15
C ARG B 26 17.47 -16.88 -27.25
N PRO B 27 16.21 -16.62 -27.69
CA PRO B 27 15.26 -15.94 -26.80
C PRO B 27 14.74 -16.88 -25.73
N VAL B 28 14.15 -16.31 -24.67
CA VAL B 28 13.50 -17.09 -23.63
C VAL B 28 12.09 -17.31 -24.14
N THR B 29 11.70 -18.56 -24.35
CA THR B 29 10.34 -18.76 -24.81
C THR B 29 9.40 -18.86 -23.63
N VAL B 30 8.46 -17.91 -23.52
CA VAL B 30 7.48 -17.94 -22.44
C VAL B 30 6.11 -18.38 -22.99
N TYR B 31 5.52 -19.40 -22.33
CA TYR B 31 4.22 -19.98 -22.63
C TYR B 31 3.17 -19.24 -21.85
N PHE B 32 2.11 -18.81 -22.53
CA PHE B 32 1.10 -17.97 -21.92
C PHE B 32 -0.30 -18.37 -22.30
N SER B 33 -1.18 -18.33 -21.31
CA SER B 33 -2.58 -18.69 -21.46
C SER B 33 -3.40 -17.86 -20.49
N LEU B 34 -4.67 -17.61 -20.82
CA LEU B 34 -5.55 -16.82 -19.96
C LEU B 34 -6.90 -17.48 -19.93
N SER B 35 -7.45 -17.64 -18.73
CA SER B 35 -8.73 -18.31 -18.57
C SER B 35 -9.69 -17.40 -17.83
N LEU B 36 -10.74 -16.93 -18.52
CA LEU B 36 -11.75 -16.04 -17.95
C LEU B 36 -12.56 -16.80 -16.91
N LEU B 37 -12.42 -16.41 -15.63
CA LEU B 37 -13.11 -17.09 -14.54
C LEU B 37 -14.45 -16.45 -14.28
N GLN B 38 -14.50 -15.10 -14.32
CA GLN B 38 -15.73 -14.34 -14.11
C GLN B 38 -15.62 -12.93 -14.67
N ILE B 39 -16.72 -12.42 -15.26
CA ILE B 39 -16.83 -11.02 -15.69
C ILE B 39 -17.57 -10.43 -14.49
N MET B 40 -16.87 -9.66 -13.65
CA MET B 40 -17.45 -9.09 -12.42
C MET B 40 -18.52 -8.05 -12.71
N ASP B 41 -18.20 -7.06 -13.56
CA ASP B 41 -19.11 -5.96 -13.91
C ASP B 41 -18.68 -5.36 -15.24
N VAL B 42 -19.54 -4.48 -15.77
CA VAL B 42 -19.31 -3.67 -16.96
C VAL B 42 -19.73 -2.24 -16.64
N ASP B 43 -19.00 -1.24 -17.15
CA ASP B 43 -19.40 0.14 -16.95
C ASP B 43 -19.73 0.65 -18.34
N GLU B 44 -21.02 0.73 -18.66
CA GLU B 44 -21.47 1.15 -19.99
C GLU B 44 -21.19 2.61 -20.25
N LYS B 45 -21.11 3.44 -19.18
CA LYS B 45 -20.82 4.86 -19.22
C LYS B 45 -19.33 5.06 -19.55
N ASN B 46 -18.45 4.52 -18.69
CA ASN B 46 -16.99 4.66 -18.79
C ASN B 46 -16.30 3.73 -19.77
N GLN B 47 -17.04 2.74 -20.31
CA GLN B 47 -16.54 1.75 -21.29
C GLN B 47 -15.42 0.90 -20.72
N VAL B 48 -15.74 0.12 -19.68
CA VAL B 48 -14.80 -0.75 -18.96
C VAL B 48 -15.39 -2.13 -18.58
N VAL B 49 -14.51 -3.16 -18.48
CA VAL B 49 -14.84 -4.50 -18.00
C VAL B 49 -14.04 -4.79 -16.75
N ASP B 50 -14.70 -5.35 -15.73
CA ASP B 50 -14.07 -5.77 -14.49
C ASP B 50 -14.09 -7.26 -14.61
N VAL B 51 -12.91 -7.86 -14.69
CA VAL B 51 -12.75 -9.27 -15.00
C VAL B 51 -11.78 -10.01 -14.05
N VAL B 52 -12.03 -11.31 -13.81
CA VAL B 52 -11.18 -12.19 -13.00
C VAL B 52 -10.65 -13.27 -13.91
N PHE B 53 -9.32 -13.40 -13.94
CA PHE B 53 -8.73 -14.44 -14.75
C PHE B 53 -7.63 -15.20 -14.15
N TRP B 54 -7.47 -16.40 -14.66
CA TRP B 54 -6.41 -17.25 -14.21
C TRP B 54 -5.37 -17.22 -15.28
N LEU B 55 -4.16 -16.81 -14.94
CA LEU B 55 -3.02 -16.70 -15.85
C LEU B 55 -2.18 -17.97 -15.76
N GLN B 56 -2.00 -18.63 -16.88
CA GLN B 56 -1.10 -19.77 -16.91
C GLN B 56 0.15 -19.22 -17.60
N MET B 57 1.30 -19.24 -16.90
CA MET B 57 2.54 -18.74 -17.47
C MET B 57 3.67 -19.66 -17.11
N SER B 58 4.61 -19.87 -18.04
CA SER B 58 5.76 -20.76 -17.81
C SER B 58 6.93 -20.45 -18.72
N TRP B 59 8.16 -20.73 -18.25
CA TRP B 59 9.38 -20.51 -19.02
C TRP B 59 10.55 -21.30 -18.44
N THR B 60 11.66 -21.36 -19.22
CA THR B 60 12.85 -22.05 -18.78
C THR B 60 13.97 -21.07 -18.39
N ASP B 61 14.27 -21.02 -17.08
CA ASP B 61 15.34 -20.19 -16.58
C ASP B 61 16.55 -21.10 -16.40
N HIS B 62 17.47 -21.08 -17.39
CA HIS B 62 18.67 -21.92 -17.35
C HIS B 62 19.63 -21.70 -16.16
N TYR B 63 19.41 -20.64 -15.35
CA TYR B 63 20.22 -20.34 -14.16
C TYR B 63 19.62 -20.99 -12.93
N LEU B 64 18.39 -21.49 -13.05
CA LEU B 64 17.68 -22.10 -11.93
C LEU B 64 17.78 -23.61 -11.87
N GLN B 65 18.46 -24.24 -12.85
CA GLN B 65 18.60 -25.69 -12.85
C GLN B 65 19.61 -26.20 -11.82
N TRP B 66 19.38 -27.44 -11.33
CA TRP B 66 20.26 -28.10 -10.37
C TRP B 66 20.37 -29.60 -10.62
N ASN B 67 21.47 -30.21 -10.14
CA ASN B 67 21.73 -31.64 -10.24
C ASN B 67 20.97 -32.34 -9.12
N VAL B 68 19.95 -33.15 -9.47
CA VAL B 68 19.11 -33.87 -8.49
C VAL B 68 19.94 -34.84 -7.61
N SER B 69 21.15 -35.21 -8.07
CA SER B 69 22.08 -36.05 -7.34
C SER B 69 22.68 -35.26 -6.18
N GLU B 70 22.94 -33.95 -6.40
CA GLU B 70 23.49 -33.06 -5.38
C GLU B 70 22.46 -32.75 -4.29
N TYR B 71 21.15 -32.77 -4.64
CA TYR B 71 20.02 -32.49 -3.75
C TYR B 71 18.96 -33.62 -3.90
N PRO B 72 19.23 -34.82 -3.31
CA PRO B 72 18.32 -35.98 -3.48
C PRO B 72 16.82 -35.82 -3.66
N GLY B 73 16.10 -35.60 -2.55
CA GLY B 73 14.65 -35.49 -2.55
C GLY B 73 14.06 -34.40 -3.42
N VAL B 74 14.78 -33.26 -3.54
CA VAL B 74 14.36 -32.03 -4.24
C VAL B 74 14.07 -32.18 -5.75
N LYS B 75 12.79 -32.38 -6.08
CA LYS B 75 12.29 -32.49 -7.45
C LYS B 75 11.81 -31.11 -7.93
N GLN B 76 11.12 -30.36 -7.03
CA GLN B 76 10.60 -29.02 -7.26
C GLN B 76 10.63 -28.13 -6.03
N VAL B 77 10.48 -26.81 -6.23
CA VAL B 77 10.50 -25.78 -5.17
C VAL B 77 9.46 -24.67 -5.37
N SER B 78 8.90 -24.14 -4.25
CA SER B 78 7.99 -23.00 -4.31
C SER B 78 8.80 -21.77 -3.96
N VAL B 79 9.08 -20.95 -4.98
CA VAL B 79 9.91 -19.78 -4.80
C VAL B 79 9.02 -18.54 -4.90
N PRO B 80 9.20 -17.51 -4.02
CA PRO B 80 8.45 -16.25 -4.21
C PRO B 80 8.86 -15.60 -5.54
N ILE B 81 7.88 -15.15 -6.36
CA ILE B 81 8.16 -14.49 -7.64
C ILE B 81 9.16 -13.37 -7.56
N SER B 82 9.20 -12.64 -6.46
CA SER B 82 10.14 -11.54 -6.29
C SER B 82 11.59 -12.01 -6.32
N SER B 83 11.85 -13.30 -5.99
CA SER B 83 13.19 -13.89 -5.95
C SER B 83 13.69 -14.28 -7.31
N LEU B 84 12.79 -14.33 -8.32
CA LEU B 84 13.21 -14.75 -9.65
C LEU B 84 12.73 -13.91 -10.85
N TRP B 85 13.41 -14.04 -12.00
CA TRP B 85 13.05 -13.30 -13.21
C TRP B 85 11.69 -13.81 -13.69
N VAL B 86 10.76 -12.87 -13.92
CA VAL B 86 9.43 -13.14 -14.44
C VAL B 86 9.21 -12.28 -15.69
N PRO B 87 8.54 -12.77 -16.75
CA PRO B 87 8.32 -11.94 -17.94
C PRO B 87 7.59 -10.65 -17.59
N ASP B 88 8.03 -9.52 -18.17
CA ASP B 88 7.46 -8.18 -17.94
C ASP B 88 6.16 -7.98 -18.77
N LEU B 89 5.18 -8.87 -18.58
CA LEU B 89 3.93 -8.82 -19.34
C LEU B 89 3.02 -7.70 -18.98
N ALA B 90 2.69 -6.89 -19.98
CA ALA B 90 1.82 -5.75 -19.83
C ALA B 90 0.45 -6.05 -20.38
N ALA B 91 -0.59 -5.53 -19.72
CA ALA B 91 -1.96 -5.59 -20.18
C ALA B 91 -2.13 -4.24 -20.87
N TYR B 92 -2.07 -4.23 -22.20
CA TYR B 92 -2.14 -3.02 -23.04
C TYR B 92 -3.42 -2.19 -22.86
N ASN B 93 -4.54 -2.84 -22.49
CA ASN B 93 -5.84 -2.14 -22.38
C ASN B 93 -6.33 -2.04 -20.96
N ALA B 94 -5.44 -2.32 -19.99
CA ALA B 94 -5.78 -2.21 -18.58
C ALA B 94 -5.86 -0.75 -18.21
N ILE B 95 -6.91 -0.43 -17.43
CA ILE B 95 -7.16 0.91 -16.92
C ILE B 95 -7.08 0.96 -15.41
N SER B 96 -6.65 -0.15 -14.78
CA SER B 96 -6.41 -0.28 -13.33
C SER B 96 -5.21 -1.24 -13.13
N LYS B 97 -4.51 -1.13 -11.99
CA LYS B 97 -3.39 -2.00 -11.67
C LYS B 97 -3.94 -3.43 -11.39
N PRO B 98 -3.17 -4.53 -11.63
CA PRO B 98 -3.73 -5.88 -11.35
C PRO B 98 -3.80 -6.18 -9.88
N GLU B 99 -4.87 -6.84 -9.44
CA GLU B 99 -5.07 -7.25 -8.07
C GLU B 99 -4.76 -8.77 -8.07
N VAL B 100 -3.59 -9.21 -7.56
CA VAL B 100 -3.31 -10.64 -7.55
C VAL B 100 -3.88 -11.33 -6.32
N LEU B 101 -4.84 -12.20 -6.56
CA LEU B 101 -5.65 -12.90 -5.57
C LEU B 101 -5.00 -14.13 -4.91
N THR B 102 -4.06 -14.80 -5.61
CA THR B 102 -3.42 -16.01 -5.11
C THR B 102 -2.05 -15.75 -4.42
N PRO B 103 -1.45 -16.72 -3.68
CA PRO B 103 -0.09 -16.51 -3.15
C PRO B 103 0.90 -16.22 -4.28
N GLN B 104 1.79 -15.21 -4.09
CA GLN B 104 2.75 -14.82 -5.13
C GLN B 104 3.99 -15.71 -5.16
N LEU B 105 3.78 -16.98 -5.50
CA LEU B 105 4.78 -18.04 -5.56
C LEU B 105 4.78 -18.71 -6.90
N ALA B 106 5.93 -19.27 -7.26
CA ALA B 106 6.17 -19.97 -8.51
C ALA B 106 6.79 -21.34 -8.21
N LEU B 107 6.37 -22.39 -8.95
CA LEU B 107 6.95 -23.73 -8.84
C LEU B 107 8.12 -23.88 -9.83
N VAL B 108 9.29 -24.37 -9.35
CA VAL B 108 10.50 -24.52 -10.16
C VAL B 108 11.00 -26.00 -10.21
N ASN B 109 11.18 -26.53 -11.43
CA ASN B 109 11.68 -27.87 -11.77
C ASN B 109 13.20 -27.91 -11.71
N SER B 110 13.77 -29.12 -11.51
CA SER B 110 15.22 -29.34 -11.46
C SER B 110 15.96 -28.90 -12.73
N SER B 111 15.21 -28.63 -13.81
CA SER B 111 15.75 -28.20 -15.10
C SER B 111 15.51 -26.70 -15.43
N GLY B 112 15.06 -25.94 -14.42
CA GLY B 112 14.78 -24.51 -14.53
C GLY B 112 13.42 -24.13 -15.08
N HIS B 113 12.46 -25.09 -15.09
CA HIS B 113 11.11 -24.80 -15.57
C HIS B 113 10.25 -24.20 -14.50
N VAL B 114 9.99 -22.91 -14.67
CA VAL B 114 9.22 -22.07 -13.77
C VAL B 114 7.76 -22.05 -14.21
N GLN B 115 6.82 -22.18 -13.27
CA GLN B 115 5.38 -22.16 -13.55
C GLN B 115 4.68 -21.14 -12.62
N TYR B 116 4.28 -19.99 -13.15
CA TYR B 116 3.61 -18.96 -12.37
C TYR B 116 2.16 -18.94 -12.81
N LEU B 117 1.27 -19.39 -11.91
CA LEU B 117 -0.16 -19.48 -12.22
C LEU B 117 -1.06 -18.55 -11.38
N PRO B 118 -0.99 -17.20 -11.50
CA PRO B 118 -1.82 -16.35 -10.64
C PRO B 118 -3.25 -16.12 -11.09
N SER B 119 -4.13 -15.79 -10.12
CA SER B 119 -5.48 -15.33 -10.37
C SER B 119 -5.40 -13.81 -10.25
N ILE B 120 -5.79 -13.10 -11.30
CA ILE B 120 -5.72 -11.66 -11.31
C ILE B 120 -7.10 -11.07 -11.49
N ARG B 121 -7.41 -10.01 -10.78
CA ARG B 121 -8.62 -9.24 -11.01
C ARG B 121 -8.12 -7.91 -11.55
N GLN B 122 -8.61 -7.51 -12.71
CA GLN B 122 -8.22 -6.26 -13.33
C GLN B 122 -9.37 -5.64 -14.11
N ARG B 123 -9.33 -4.30 -14.24
CA ARG B 123 -10.27 -3.52 -15.01
C ARG B 123 -9.64 -3.10 -16.35
N PHE B 124 -10.33 -3.38 -17.47
CA PHE B 124 -9.86 -3.10 -18.83
C PHE B 124 -10.78 -2.18 -19.58
N SER B 125 -10.23 -1.38 -20.49
CA SER B 125 -11.00 -0.52 -21.38
C SER B 125 -11.59 -1.41 -22.46
N CYS B 126 -12.89 -1.28 -22.71
CA CYS B 126 -13.59 -2.10 -23.69
C CYS B 126 -14.89 -1.43 -24.16
N ASP B 127 -15.29 -1.65 -25.44
CA ASP B 127 -16.55 -1.13 -25.96
C ASP B 127 -17.66 -2.11 -25.54
N VAL B 128 -18.30 -1.83 -24.40
CA VAL B 128 -19.34 -2.67 -23.80
C VAL B 128 -20.78 -2.28 -24.20
N SER B 129 -20.92 -1.35 -25.16
CA SER B 129 -22.20 -0.83 -25.62
C SER B 129 -23.23 -1.91 -26.04
N GLY B 130 -22.76 -2.94 -26.72
CA GLY B 130 -23.63 -4.01 -27.19
C GLY B 130 -23.86 -5.17 -26.26
N VAL B 131 -23.63 -4.99 -24.94
CA VAL B 131 -23.79 -6.05 -23.94
C VAL B 131 -25.23 -6.58 -23.80
N ASP B 132 -26.23 -5.72 -24.05
CA ASP B 132 -27.66 -6.07 -23.97
C ASP B 132 -28.25 -6.59 -25.29
N THR B 133 -27.40 -6.82 -26.30
CA THR B 133 -27.79 -7.31 -27.63
C THR B 133 -27.49 -8.80 -27.76
N GLU B 134 -28.07 -9.48 -28.78
CA GLU B 134 -27.84 -10.90 -29.04
C GLU B 134 -26.41 -11.10 -29.58
N SER B 135 -25.92 -10.10 -30.35
CA SER B 135 -24.57 -10.09 -30.91
C SER B 135 -23.56 -10.00 -29.76
N GLY B 136 -23.90 -9.22 -28.72
CA GLY B 136 -23.07 -9.05 -27.55
C GLY B 136 -21.91 -8.09 -27.73
N ALA B 137 -21.22 -7.78 -26.62
CA ALA B 137 -20.07 -6.90 -26.56
C ALA B 137 -18.80 -7.71 -26.79
N THR B 138 -17.82 -7.12 -27.49
CA THR B 138 -16.54 -7.77 -27.76
C THR B 138 -15.33 -6.99 -27.16
N CYS B 139 -14.54 -7.66 -26.31
CA CYS B 139 -13.34 -7.06 -25.71
C CYS B 139 -12.11 -7.71 -26.27
N LYS B 140 -11.23 -6.91 -26.91
CA LYS B 140 -9.96 -7.40 -27.43
C LYS B 140 -8.87 -7.04 -26.41
N LEU B 141 -8.63 -7.91 -25.40
CA LEU B 141 -7.62 -7.69 -24.36
C LEU B 141 -6.22 -8.16 -24.82
N LYS B 142 -5.33 -7.19 -25.15
CA LYS B 142 -3.94 -7.38 -25.65
C LYS B 142 -2.92 -7.44 -24.47
N PHE B 143 -1.99 -8.42 -24.53
CA PHE B 143 -0.94 -8.64 -23.51
C PHE B 143 0.38 -8.93 -24.18
N GLY B 144 1.44 -8.46 -23.58
CA GLY B 144 2.77 -8.69 -24.12
C GLY B 144 3.88 -8.04 -23.33
N SER B 145 5.14 -8.45 -23.62
CA SER B 145 6.32 -7.89 -22.98
C SER B 145 6.36 -6.42 -23.29
N TRP B 146 6.62 -5.60 -22.27
CA TRP B 146 6.67 -4.17 -22.45
C TRP B 146 8.02 -3.72 -23.01
N THR B 147 9.11 -4.38 -22.59
CA THR B 147 10.47 -3.98 -22.98
C THR B 147 11.25 -4.98 -23.85
N HIS B 148 10.83 -6.25 -23.93
CA HIS B 148 11.56 -7.26 -24.70
C HIS B 148 10.95 -7.60 -26.07
N HIS B 149 11.79 -7.60 -27.11
CA HIS B 149 11.33 -7.96 -28.45
C HIS B 149 11.48 -9.45 -28.67
N SER B 150 10.77 -9.98 -29.67
CA SER B 150 10.68 -11.38 -30.10
C SER B 150 11.98 -12.20 -30.07
N ARG B 151 13.13 -11.52 -30.12
CA ARG B 151 14.42 -12.21 -30.16
C ARG B 151 15.14 -12.25 -28.82
N GLU B 152 14.46 -11.73 -27.78
CA GLU B 152 14.83 -11.74 -26.38
C GLU B 152 13.78 -12.58 -25.64
N LEU B 153 12.47 -12.29 -25.87
CA LEU B 153 11.37 -13.00 -25.22
C LEU B 153 10.38 -13.46 -26.28
N ASP B 154 10.29 -14.79 -26.47
CA ASP B 154 9.40 -15.40 -27.46
C ASP B 154 8.09 -15.81 -26.80
N LEU B 155 7.06 -14.95 -26.89
CA LEU B 155 5.74 -15.21 -26.35
C LEU B 155 5.06 -16.27 -27.18
N GLN B 156 4.58 -17.33 -26.52
CA GLN B 156 3.89 -18.42 -27.21
C GLN B 156 2.63 -18.73 -26.46
N MET B 157 1.57 -19.04 -27.20
CA MET B 157 0.29 -19.40 -26.58
C MET B 157 0.32 -20.87 -26.19
N GLN B 158 -0.39 -21.23 -25.13
CA GLN B 158 -0.57 -22.63 -24.77
C GLN B 158 -2.08 -22.90 -24.78
N GLU B 159 -2.49 -24.18 -24.91
CA GLU B 159 -3.91 -24.53 -25.00
C GLU B 159 -4.69 -23.92 -23.81
N ALA B 160 -5.75 -23.13 -24.13
CA ALA B 160 -6.57 -22.41 -23.13
C ALA B 160 -7.76 -23.22 -22.60
N ASP B 161 -8.33 -22.76 -21.48
CA ASP B 161 -9.37 -23.44 -20.74
C ASP B 161 -10.63 -22.58 -20.45
N ILE B 162 -11.84 -22.96 -20.99
CA ILE B 162 -13.05 -22.18 -20.63
C ILE B 162 -14.03 -22.93 -19.66
N SER B 163 -13.51 -24.00 -19.05
CA SER B 163 -14.18 -24.82 -18.05
C SER B 163 -14.27 -24.05 -16.70
N GLY B 164 -13.32 -23.14 -16.48
CA GLY B 164 -13.24 -22.33 -15.27
C GLY B 164 -14.28 -21.23 -15.17
N TYR B 165 -14.98 -20.92 -16.28
CA TYR B 165 -16.00 -19.88 -16.30
C TYR B 165 -17.13 -20.12 -15.28
N ILE B 166 -17.39 -19.12 -14.41
CA ILE B 166 -18.45 -19.17 -13.40
C ILE B 166 -19.85 -19.29 -14.02
N PRO B 167 -20.58 -20.38 -13.69
CA PRO B 167 -21.90 -20.61 -14.29
C PRO B 167 -22.99 -19.61 -13.91
N TYR B 168 -22.97 -19.08 -12.65
CA TYR B 168 -23.93 -18.03 -12.23
C TYR B 168 -23.44 -16.71 -12.83
N SER B 169 -23.88 -15.54 -12.35
CA SER B 169 -23.46 -14.25 -12.99
C SER B 169 -24.32 -13.87 -14.18
N ARG B 170 -24.54 -12.54 -14.35
CA ARG B 170 -25.36 -11.93 -15.39
C ARG B 170 -24.89 -12.21 -16.79
N PHE B 171 -23.61 -12.53 -16.97
CA PHE B 171 -23.02 -12.66 -18.29
C PHE B 171 -22.77 -14.05 -18.80
N GLU B 172 -23.22 -14.31 -20.04
CA GLU B 172 -22.96 -15.56 -20.73
C GLU B 172 -21.92 -15.32 -21.82
N LEU B 173 -21.08 -16.33 -22.10
CA LEU B 173 -20.03 -16.23 -23.11
C LEU B 173 -20.53 -16.64 -24.52
N VAL B 174 -20.49 -15.70 -25.47
CA VAL B 174 -20.86 -15.96 -26.86
C VAL B 174 -19.66 -16.63 -27.54
N GLY B 175 -18.47 -16.10 -27.30
CA GLY B 175 -17.24 -16.64 -27.87
C GLY B 175 -15.97 -16.10 -27.23
N VAL B 176 -14.92 -16.93 -27.23
CA VAL B 176 -13.60 -16.62 -26.70
C VAL B 176 -12.54 -17.02 -27.75
N THR B 177 -11.62 -16.10 -28.05
CA THR B 177 -10.54 -16.29 -29.03
C THR B 177 -9.21 -15.89 -28.40
N GLN B 178 -8.14 -16.62 -28.82
CA GLN B 178 -6.74 -16.53 -28.41
C GLN B 178 -5.86 -16.41 -29.67
N LYS B 179 -5.19 -15.27 -29.89
CA LYS B 179 -4.35 -15.17 -31.08
C LYS B 179 -3.00 -14.52 -30.75
N ARG B 180 -1.89 -15.15 -31.18
CA ARG B 180 -0.59 -14.56 -30.98
C ARG B 180 -0.15 -13.82 -32.22
N SER B 181 0.41 -12.63 -32.05
CA SER B 181 0.84 -11.80 -33.17
C SER B 181 2.24 -11.22 -32.93
N GLU B 182 2.81 -10.58 -33.94
CA GLU B 182 4.12 -9.94 -33.91
C GLU B 182 3.89 -8.61 -34.59
N ARG B 183 3.91 -7.53 -33.81
CA ARG B 183 3.64 -6.15 -34.23
C ARG B 183 4.93 -5.35 -34.34
N PHE B 184 5.05 -4.53 -35.39
CA PHE B 184 6.21 -3.67 -35.60
C PHE B 184 5.90 -2.26 -35.14
N TYR B 185 6.84 -1.63 -34.43
CA TYR B 185 6.63 -0.27 -33.97
C TYR B 185 7.59 0.65 -34.64
N GLU B 186 7.07 1.83 -35.04
CA GLU B 186 7.75 2.94 -35.74
C GLU B 186 9.13 3.26 -35.12
N CYS B 187 9.19 3.12 -33.79
CA CYS B 187 10.30 3.31 -32.85
C CYS B 187 11.53 2.52 -33.18
N CYS B 188 11.31 1.28 -33.64
CA CYS B 188 12.28 0.22 -33.64
C CYS B 188 12.24 -0.80 -34.75
N LYS B 189 13.42 -1.42 -34.99
CA LYS B 189 13.61 -2.60 -35.82
C LYS B 189 13.24 -3.71 -34.83
N GLU B 190 13.04 -4.97 -35.30
CA GLU B 190 12.64 -6.09 -34.41
C GLU B 190 11.22 -5.93 -33.88
N PRO B 191 10.38 -6.95 -34.10
CA PRO B 191 8.99 -6.84 -33.70
C PRO B 191 8.73 -7.18 -32.24
N TYR B 192 7.50 -6.90 -31.79
CA TYR B 192 7.04 -7.19 -30.44
C TYR B 192 5.84 -8.15 -30.46
N PRO B 193 6.07 -9.42 -30.05
CA PRO B 193 4.97 -10.39 -30.00
C PRO B 193 3.96 -10.09 -28.89
N ASP B 194 2.70 -10.37 -29.16
CA ASP B 194 1.60 -10.17 -28.24
C ASP B 194 0.54 -11.26 -28.35
N VAL B 195 -0.21 -11.47 -27.27
CA VAL B 195 -1.34 -12.41 -27.27
C VAL B 195 -2.59 -11.57 -27.03
N THR B 196 -3.58 -11.70 -27.91
CA THR B 196 -4.83 -10.97 -27.76
C THR B 196 -5.92 -11.96 -27.42
N PHE B 197 -6.52 -11.73 -26.26
CA PHE B 197 -7.60 -12.55 -25.77
C PHE B 197 -8.88 -11.78 -26.15
N THR B 198 -9.73 -12.39 -26.99
CA THR B 198 -10.97 -11.74 -27.47
C THR B 198 -12.20 -12.41 -26.86
N VAL B 199 -13.03 -11.65 -26.12
CA VAL B 199 -14.27 -12.15 -25.50
C VAL B 199 -15.49 -11.52 -26.12
N THR B 200 -16.52 -12.34 -26.35
CA THR B 200 -17.82 -11.87 -26.79
C THR B 200 -18.79 -12.36 -25.73
N PHE B 201 -19.44 -11.43 -25.03
CA PHE B 201 -20.36 -11.76 -23.95
C PHE B 201 -21.62 -10.94 -24.03
N ARG B 202 -22.64 -11.36 -23.29
CA ARG B 202 -23.92 -10.66 -23.25
C ARG B 202 -24.67 -10.92 -21.95
N LYS B 203 -25.51 -9.96 -21.56
CA LYS B 203 -26.37 -10.06 -20.38
C LYS B 203 -27.37 -11.18 -20.64
N LYS B 204 -27.50 -12.12 -19.69
CA LYS B 204 -28.41 -13.27 -19.77
C LYS B 204 -29.86 -12.81 -19.86
N GLY B 205 -30.16 -11.76 -19.09
CA GLY B 205 -31.43 -11.06 -19.07
C GLY B 205 -31.27 -9.78 -19.88
N ARG B 206 -31.57 -9.87 -21.19
CA ARG B 206 -31.47 -8.75 -22.15
C ARG B 206 -32.79 -8.58 -22.95
N SER B 207 -33.83 -9.38 -22.57
CA SER B 207 -35.17 -9.39 -23.15
C SER B 207 -36.14 -8.55 -22.32
N GLY C 1 21.46 -13.63 -19.93
CA GLY C 1 22.77 -13.72 -20.58
C GLY C 1 23.94 -13.49 -19.65
N GLU C 2 25.02 -14.31 -19.79
CA GLU C 2 26.24 -14.21 -18.96
C GLU C 2 27.02 -12.92 -19.19
N PHE C 3 26.89 -12.34 -20.40
CA PHE C 3 27.48 -11.05 -20.73
C PHE C 3 26.57 -9.96 -20.16
N GLN C 4 25.24 -10.21 -20.13
CA GLN C 4 24.25 -9.29 -19.56
C GLN C 4 24.39 -9.27 -18.03
N ARG C 5 24.58 -10.45 -17.41
CA ARG C 5 24.78 -10.65 -15.98
C ARG C 5 25.99 -9.84 -15.50
N LYS C 6 27.14 -9.98 -16.20
CA LYS C 6 28.40 -9.31 -15.90
C LYS C 6 28.30 -7.80 -15.88
N LEU C 7 27.41 -7.24 -16.73
CA LEU C 7 27.13 -5.81 -16.86
C LEU C 7 26.32 -5.24 -15.69
N TYR C 8 25.20 -5.91 -15.28
CA TYR C 8 24.34 -5.49 -14.16
C TYR C 8 25.10 -5.40 -12.86
N LYS C 9 26.13 -6.24 -12.67
CA LYS C 9 26.95 -6.18 -11.46
C LYS C 9 27.69 -4.86 -11.42
N GLU C 10 28.23 -4.41 -12.60
CA GLU C 10 28.95 -3.14 -12.79
C GLU C 10 28.00 -1.93 -12.76
N LEU C 11 26.87 -1.99 -13.51
CA LEU C 11 25.84 -0.92 -13.56
C LEU C 11 25.20 -0.67 -12.15
N VAL C 12 25.60 -1.49 -11.15
CA VAL C 12 25.16 -1.41 -9.77
C VAL C 12 26.30 -0.89 -8.89
N LYS C 13 27.53 -1.43 -9.11
CA LYS C 13 28.78 -1.18 -8.36
C LYS C 13 28.81 0.09 -7.51
N ASN C 14 28.79 1.27 -8.15
CA ASN C 14 28.79 2.51 -7.41
C ASN C 14 27.65 3.43 -7.85
N TYR C 15 26.49 2.84 -8.17
CA TYR C 15 25.35 3.61 -8.63
C TYR C 15 24.36 3.98 -7.54
N ASN C 16 24.11 5.29 -7.42
CA ASN C 16 23.16 5.85 -6.46
C ASN C 16 22.00 6.46 -7.27
N PRO C 17 20.78 5.88 -7.20
CA PRO C 17 19.65 6.46 -7.97
C PRO C 17 19.17 7.82 -7.49
N ASP C 18 19.64 8.30 -6.30
CA ASP C 18 19.23 9.60 -5.77
C ASP C 18 20.00 10.75 -6.38
N VAL C 19 21.08 10.44 -7.10
CA VAL C 19 21.98 11.41 -7.73
C VAL C 19 21.58 11.76 -9.17
N ILE C 20 21.31 13.05 -9.48
CA ILE C 20 20.99 13.50 -10.83
C ILE C 20 22.27 13.37 -11.67
N PRO C 21 22.27 12.67 -12.82
CA PRO C 21 23.53 12.46 -13.54
C PRO C 21 24.02 13.61 -14.38
N THR C 22 24.16 14.79 -13.75
CA THR C 22 24.71 15.97 -14.40
C THR C 22 26.21 15.79 -14.52
N GLN C 23 26.78 16.29 -15.63
CA GLN C 23 28.22 16.26 -15.93
C GLN C 23 28.72 17.69 -15.93
N ARG C 24 29.75 17.96 -15.14
CA ARG C 24 30.46 19.24 -14.97
C ARG C 24 29.88 20.45 -15.76
N ASP C 25 29.11 21.32 -15.06
CA ASP C 25 28.47 22.55 -15.59
C ASP C 25 27.33 22.29 -16.64
N ARG C 26 26.88 21.03 -16.81
CA ARG C 26 25.86 20.73 -17.82
C ARG C 26 24.63 20.07 -17.23
N PRO C 27 23.42 20.53 -17.65
CA PRO C 27 22.19 19.89 -17.14
C PRO C 27 21.92 18.57 -17.82
N VAL C 28 21.05 17.76 -17.23
CA VAL C 28 20.61 16.52 -17.85
C VAL C 28 19.44 16.94 -18.71
N THR C 29 19.53 16.73 -20.02
CA THR C 29 18.38 17.08 -20.82
C THR C 29 17.41 15.93 -20.91
N VAL C 30 16.17 16.16 -20.42
CA VAL C 30 15.13 15.15 -20.44
C VAL C 30 14.06 15.45 -21.46
N TYR C 31 13.87 14.49 -22.38
CA TYR C 31 12.88 14.55 -23.43
C TYR C 31 11.57 14.01 -22.87
N PHE C 32 10.49 14.75 -23.10
CA PHE C 32 9.19 14.42 -22.52
C PHE C 32 8.05 14.58 -23.50
N SER C 33 7.03 13.73 -23.37
CA SER C 33 5.83 13.70 -24.23
C SER C 33 4.72 12.89 -23.60
N LEU C 34 3.50 13.40 -23.64
CA LEU C 34 2.28 12.78 -23.12
C LEU C 34 1.34 12.50 -24.29
N SER C 35 0.63 11.37 -24.22
CA SER C 35 -0.37 10.98 -25.24
C SER C 35 -1.64 10.52 -24.53
N LEU C 36 -2.73 11.29 -24.74
CA LEU C 36 -4.03 10.99 -24.14
C LEU C 36 -4.62 9.73 -24.78
N LEU C 37 -4.73 8.66 -23.99
CA LEU C 37 -5.24 7.38 -24.47
C LEU C 37 -6.75 7.30 -24.27
N GLN C 38 -7.24 7.80 -23.13
CA GLN C 38 -8.68 7.85 -22.84
C GLN C 38 -8.99 8.84 -21.74
N ILE C 39 -10.15 9.52 -21.87
CA ILE C 39 -10.69 10.38 -20.82
C ILE C 39 -11.70 9.42 -20.17
N MET C 40 -11.37 8.91 -18.97
CA MET C 40 -12.23 7.94 -18.26
C MET C 40 -13.57 8.53 -17.82
N ASP C 41 -13.52 9.67 -17.12
CA ASP C 41 -14.70 10.34 -16.60
C ASP C 41 -14.39 11.81 -16.36
N VAL C 42 -15.43 12.59 -16.07
CA VAL C 42 -15.40 13.98 -15.65
C VAL C 42 -16.29 14.15 -14.44
N ASP C 43 -15.91 14.97 -13.47
CA ASP C 43 -16.76 15.23 -12.33
C ASP C 43 -17.10 16.70 -12.43
N GLU C 44 -18.31 17.00 -12.91
CA GLU C 44 -18.78 18.36 -13.11
C GLU C 44 -18.95 19.12 -11.79
N LYS C 45 -19.25 18.38 -10.71
CA LYS C 45 -19.43 18.90 -9.35
C LYS C 45 -18.08 19.31 -8.77
N ASN C 46 -17.15 18.36 -8.65
CA ASN C 46 -15.82 18.54 -8.07
C ASN C 46 -14.77 19.17 -8.98
N GLN C 47 -15.08 19.33 -10.28
CA GLN C 47 -14.21 19.93 -11.30
C GLN C 47 -12.92 19.15 -11.46
N VAL C 48 -13.07 17.89 -11.94
CA VAL C 48 -11.96 16.96 -12.16
C VAL C 48 -12.08 16.13 -13.47
N VAL C 49 -10.94 15.68 -14.02
CA VAL C 49 -10.83 14.78 -15.16
C VAL C 49 -10.10 13.52 -14.74
N ASP C 50 -10.63 12.36 -15.12
CA ASP C 50 -10.01 11.07 -14.85
C ASP C 50 -9.51 10.66 -16.19
N VAL C 51 -8.19 10.60 -16.35
CA VAL C 51 -7.53 10.42 -17.62
C VAL C 51 -6.46 9.33 -17.63
N VAL C 52 -6.28 8.66 -18.79
CA VAL C 52 -5.24 7.64 -18.99
C VAL C 52 -4.27 8.17 -20.06
N PHE C 53 -3.00 8.39 -19.65
CA PHE C 53 -1.91 8.94 -20.46
C PHE C 53 -0.85 7.92 -20.72
N TRP C 54 -0.17 8.02 -21.87
CA TRP C 54 1.05 7.29 -22.14
C TRP C 54 2.15 8.33 -22.12
N LEU C 55 3.14 8.15 -21.25
CA LEU C 55 4.27 9.06 -21.07
C LEU C 55 5.49 8.55 -21.84
N GLN C 56 6.18 9.42 -22.56
CA GLN C 56 7.45 9.11 -23.22
C GLN C 56 8.51 10.02 -22.59
N MET C 57 9.38 9.44 -21.75
CA MET C 57 10.46 10.15 -21.08
C MET C 57 11.79 9.52 -21.42
N SER C 58 12.71 10.32 -21.88
CA SER C 58 14.04 9.85 -22.21
C SER C 58 15.13 10.86 -21.82
N TRP C 59 16.26 10.34 -21.32
CA TRP C 59 17.41 11.14 -20.91
C TRP C 59 18.69 10.33 -21.02
N THR C 60 19.82 10.95 -20.75
CA THR C 60 21.11 10.26 -20.76
C THR C 60 21.66 10.24 -19.36
N ASP C 61 22.07 9.05 -18.92
CA ASP C 61 22.72 8.88 -17.64
C ASP C 61 24.12 8.42 -18.00
N HIS C 62 25.11 9.31 -17.89
CA HIS C 62 26.48 8.96 -18.25
C HIS C 62 27.07 7.82 -17.41
N TYR C 63 26.52 7.59 -16.19
CA TYR C 63 26.98 6.52 -15.31
C TYR C 63 26.44 5.20 -15.81
N LEU C 64 25.53 5.22 -16.80
CA LEU C 64 24.94 4.00 -17.33
C LEU C 64 25.49 3.51 -18.67
N GLN C 65 26.51 4.17 -19.17
CA GLN C 65 27.12 3.75 -20.43
C GLN C 65 28.14 2.61 -20.22
N TRP C 66 28.35 1.81 -21.28
CA TRP C 66 29.31 0.71 -21.28
C TRP C 66 29.92 0.52 -22.66
N ASN C 67 31.12 -0.11 -22.70
CA ASN C 67 31.84 -0.45 -23.93
C ASN C 67 31.28 -1.75 -24.47
N VAL C 68 30.60 -1.69 -25.64
CA VAL C 68 29.97 -2.86 -26.27
C VAL C 68 30.99 -3.97 -26.60
N SER C 69 32.29 -3.59 -26.68
CA SER C 69 33.39 -4.51 -26.92
C SER C 69 33.63 -5.36 -25.67
N GLU C 70 33.45 -4.76 -24.47
CA GLU C 70 33.62 -5.44 -23.18
C GLU C 70 32.46 -6.43 -22.92
N TYR C 71 31.27 -6.14 -23.48
CA TYR C 71 30.04 -6.93 -23.32
C TYR C 71 29.42 -7.17 -24.72
N PRO C 72 30.02 -8.09 -25.54
CA PRO C 72 29.54 -8.29 -26.93
C PRO C 72 28.07 -8.14 -27.31
N GLY C 73 27.26 -9.16 -27.01
CA GLY C 73 25.84 -9.19 -27.37
C GLY C 73 24.98 -8.05 -26.84
N VAL C 74 25.30 -7.56 -25.63
CA VAL C 74 24.56 -6.53 -24.89
C VAL C 74 24.45 -5.15 -25.57
N LYS C 75 23.32 -4.94 -26.26
CA LYS C 75 23.01 -3.67 -26.94
C LYS C 75 22.15 -2.81 -26.02
N GLN C 76 21.18 -3.45 -25.32
CA GLN C 76 20.26 -2.81 -24.38
C GLN C 76 19.90 -3.71 -23.21
N VAL C 77 19.34 -3.12 -22.14
CA VAL C 77 18.93 -3.81 -20.90
C VAL C 77 17.59 -3.27 -20.36
N SER C 78 16.79 -4.14 -19.72
CA SER C 78 15.55 -3.69 -19.07
C SER C 78 15.86 -3.60 -17.60
N VAL C 79 15.94 -2.38 -17.11
CA VAL C 79 16.30 -2.12 -15.72
C VAL C 79 15.04 -1.67 -14.97
N PRO C 80 14.78 -2.18 -13.73
CA PRO C 80 13.66 -1.63 -12.95
C PRO C 80 13.93 -0.14 -12.64
N ILE C 81 12.94 0.76 -12.84
CA ILE C 81 13.09 2.20 -12.53
C ILE C 81 13.58 2.49 -11.11
N SER C 82 13.27 1.61 -10.16
CA SER C 82 13.71 1.79 -8.78
C SER C 82 15.23 1.73 -8.67
N SER C 83 15.91 1.04 -9.64
CA SER C 83 17.36 0.86 -9.65
C SER C 83 18.07 2.05 -10.23
N LEU C 84 17.35 2.97 -10.87
CA LEU C 84 18.01 4.10 -11.50
C LEU C 84 17.40 5.48 -11.27
N TRP C 85 18.20 6.54 -11.52
CA TRP C 85 17.73 7.91 -11.37
C TRP C 85 16.70 8.18 -12.43
N VAL C 86 15.52 8.66 -11.98
CA VAL C 86 14.43 9.06 -12.88
C VAL C 86 14.07 10.53 -12.61
N PRO C 87 13.72 11.34 -13.65
CA PRO C 87 13.35 12.74 -13.37
C PRO C 87 12.19 12.81 -12.36
N ASP C 88 12.30 13.73 -11.38
CA ASP C 88 11.30 13.99 -10.35
C ASP C 88 10.12 14.83 -10.92
N LEU C 89 9.47 14.32 -11.99
CA LEU C 89 8.38 15.03 -12.62
C LEU C 89 7.12 15.10 -11.83
N ALA C 90 6.66 16.34 -11.58
CA ALA C 90 5.43 16.59 -10.87
C ALA C 90 4.30 16.94 -11.83
N ALA C 91 3.11 16.48 -11.51
CA ALA C 91 1.90 16.84 -12.22
C ALA C 91 1.33 17.95 -11.34
N TYR C 92 1.53 19.20 -11.74
CA TYR C 92 1.12 20.40 -11.01
C TYR C 92 -0.40 20.48 -10.71
N ASN C 93 -1.25 19.87 -11.56
CA ASN C 93 -2.71 19.95 -11.38
C ASN C 93 -3.36 18.62 -11.01
N ALA C 94 -2.53 17.65 -10.62
CA ALA C 94 -3.01 16.36 -10.21
C ALA C 94 -3.62 16.48 -8.82
N ILE C 95 -4.77 15.83 -8.63
CA ILE C 95 -5.50 15.81 -7.39
C ILE C 95 -5.61 14.39 -6.84
N SER C 96 -4.89 13.44 -7.46
CA SER C 96 -4.78 12.06 -7.01
C SER C 96 -3.36 11.57 -7.35
N LYS C 97 -2.85 10.55 -6.63
CA LYS C 97 -1.55 9.93 -6.88
C LYS C 97 -1.59 9.21 -8.24
N PRO C 98 -0.48 9.12 -9.03
CA PRO C 98 -0.55 8.37 -10.30
C PRO C 98 -0.66 6.87 -10.10
N GLU C 99 -1.46 6.21 -10.95
CA GLU C 99 -1.63 4.76 -10.97
C GLU C 99 -0.83 4.28 -12.18
N VAL C 100 0.38 3.69 -11.99
CA VAL C 100 1.13 3.24 -13.17
C VAL C 100 0.71 1.82 -13.60
N LEU C 101 0.13 1.77 -14.79
CA LEU C 101 -0.47 0.57 -15.33
C LEU C 101 0.48 -0.43 -15.93
N THR C 102 1.61 0.04 -16.50
CA THR C 102 2.58 -0.79 -17.21
C THR C 102 3.71 -1.32 -16.32
N PRO C 103 4.49 -2.38 -16.73
CA PRO C 103 5.63 -2.82 -15.90
C PRO C 103 6.60 -1.65 -15.63
N GLN C 104 7.06 -1.51 -14.37
CA GLN C 104 7.92 -0.40 -13.99
C GLN C 104 9.39 -0.65 -14.34
N LEU C 105 9.66 -0.74 -15.65
CA LEU C 105 10.99 -1.00 -16.24
C LEU C 105 11.34 0.06 -17.26
N ALA C 106 12.64 0.29 -17.44
CA ALA C 106 13.16 1.25 -18.41
C ALA C 106 14.18 0.55 -19.30
N LEU C 107 14.31 0.96 -20.54
CA LEU C 107 15.31 0.41 -21.46
C LEU C 107 16.59 1.26 -21.44
N VAL C 108 17.79 0.63 -21.47
CA VAL C 108 19.05 1.38 -21.43
C VAL C 108 20.03 0.99 -22.56
N ASN C 109 20.40 1.99 -23.41
CA ASN C 109 21.37 1.86 -24.52
C ASN C 109 22.77 1.79 -23.97
N SER C 110 23.70 1.30 -24.77
CA SER C 110 25.11 1.20 -24.44
C SER C 110 25.77 2.56 -24.23
N SER C 111 25.15 3.65 -24.76
CA SER C 111 25.61 5.04 -24.63
C SER C 111 24.89 5.75 -23.45
N GLY C 112 24.10 4.97 -22.70
CA GLY C 112 23.40 5.43 -21.51
C GLY C 112 22.07 6.10 -21.75
N HIS C 113 21.41 5.81 -22.88
CA HIS C 113 20.12 6.44 -23.11
C HIS C 113 19.04 5.67 -22.42
N VAL C 114 18.37 6.35 -21.47
CA VAL C 114 17.27 5.79 -20.69
C VAL C 114 15.92 6.16 -21.32
N GLN C 115 15.09 5.14 -21.58
CA GLN C 115 13.75 5.26 -22.13
C GLN C 115 12.78 4.67 -21.13
N TYR C 116 11.92 5.52 -20.53
CA TYR C 116 10.88 5.13 -19.59
C TYR C 116 9.54 5.54 -20.20
N LEU C 117 8.71 4.55 -20.56
CA LEU C 117 7.47 4.80 -21.30
C LEU C 117 6.22 4.30 -20.57
N PRO C 118 5.87 4.86 -19.39
CA PRO C 118 4.71 4.31 -18.67
C PRO C 118 3.35 4.80 -19.10
N SER C 119 2.31 3.97 -18.81
CA SER C 119 0.91 4.32 -18.95
C SER C 119 0.47 4.69 -17.54
N ILE C 120 -0.04 5.89 -17.38
CA ILE C 120 -0.44 6.38 -16.07
C ILE C 120 -1.92 6.71 -16.10
N ARG C 121 -2.65 6.34 -15.05
CA ARG C 121 -4.03 6.78 -14.86
C ARG C 121 -3.96 7.74 -13.70
N GLN C 122 -4.47 8.96 -13.89
CA GLN C 122 -4.47 9.96 -12.84
C GLN C 122 -5.69 10.87 -12.96
N ARG C 123 -6.07 11.48 -11.83
CA ARG C 123 -7.17 12.45 -11.74
C ARG C 123 -6.59 13.86 -11.60
N PHE C 124 -7.02 14.77 -12.46
CA PHE C 124 -6.54 16.15 -12.49
C PHE C 124 -7.65 17.17 -12.23
N SER C 125 -7.30 18.31 -11.62
CA SER C 125 -8.23 19.41 -11.41
C SER C 125 -8.38 20.13 -12.73
N CYS C 126 -9.63 20.37 -13.15
CA CYS C 126 -9.94 20.98 -14.43
C CYS C 126 -11.34 21.60 -14.45
N ASP C 127 -11.52 22.71 -15.19
CA ASP C 127 -12.83 23.34 -15.36
C ASP C 127 -13.58 22.59 -16.46
N VAL C 128 -14.38 21.59 -16.05
CA VAL C 128 -15.15 20.73 -16.96
C VAL C 128 -16.60 21.22 -17.23
N SER C 129 -16.95 22.43 -16.76
CA SER C 129 -18.27 23.04 -16.91
C SER C 129 -18.82 23.05 -18.33
N GLY C 130 -17.96 23.35 -19.30
CA GLY C 130 -18.39 23.41 -20.70
C GLY C 130 -18.28 22.13 -21.50
N VAL C 131 -18.24 20.96 -20.84
CA VAL C 131 -18.11 19.66 -21.50
C VAL C 131 -19.31 19.33 -22.43
N ASP C 132 -20.51 19.85 -22.11
CA ASP C 132 -21.73 19.62 -22.90
C ASP C 132 -21.97 20.65 -24.02
N THR C 133 -21.03 21.58 -24.21
CA THR C 133 -21.07 22.65 -25.20
C THR C 133 -20.25 22.29 -26.45
N GLU C 134 -20.42 23.04 -27.56
CA GLU C 134 -19.68 22.80 -28.79
C GLU C 134 -18.24 23.25 -28.61
N SER C 135 -18.05 24.31 -27.80
CA SER C 135 -16.75 24.89 -27.45
C SER C 135 -15.95 23.85 -26.67
N GLY C 136 -16.64 23.12 -25.80
CA GLY C 136 -16.07 22.07 -24.99
C GLY C 136 -15.29 22.57 -23.79
N ALA C 137 -14.84 21.64 -22.96
CA ALA C 137 -14.06 21.91 -21.77
C ALA C 137 -12.58 21.87 -22.11
N THR C 138 -11.78 22.75 -21.48
CA THR C 138 -10.32 22.81 -21.70
C THR C 138 -9.53 22.57 -20.44
N CYS C 139 -8.61 21.58 -20.47
CA CYS C 139 -7.76 21.26 -19.33
C CYS C 139 -6.32 21.59 -19.66
N LYS C 140 -5.69 22.48 -18.86
CA LYS C 140 -4.29 22.84 -19.04
C LYS C 140 -3.48 22.06 -18.00
N LEU C 141 -3.09 20.81 -18.32
CA LEU C 141 -2.30 19.94 -17.43
C LEU C 141 -0.75 20.25 -17.50
N LYS C 142 -0.21 20.93 -16.47
CA LYS C 142 1.20 21.33 -16.33
C LYS C 142 2.08 20.24 -15.62
N PHE C 143 3.27 19.96 -16.15
CA PHE C 143 4.21 18.96 -15.62
C PHE C 143 5.63 19.53 -15.61
N GLY C 144 6.41 19.17 -14.61
CA GLY C 144 7.79 19.61 -14.52
C GLY C 144 8.51 19.10 -13.29
N SER C 145 9.85 19.24 -13.27
CA SER C 145 10.67 18.82 -12.14
C SER C 145 10.24 19.62 -10.94
N TRP C 146 10.10 18.96 -9.82
CA TRP C 146 9.66 19.63 -8.60
C TRP C 146 10.82 20.30 -7.89
N THR C 147 12.02 19.68 -7.93
CA THR C 147 13.18 20.15 -7.19
C THR C 147 14.36 20.62 -8.02
N HIS C 148 14.41 20.27 -9.33
CA HIS C 148 15.53 20.66 -10.20
C HIS C 148 15.24 21.83 -11.13
N HIS C 149 16.08 22.89 -11.04
CA HIS C 149 15.94 24.04 -11.92
C HIS C 149 16.55 23.69 -13.31
N SER C 150 16.46 24.62 -14.28
CA SER C 150 16.91 24.45 -15.67
C SER C 150 18.37 24.08 -15.85
N ARG C 151 19.25 24.63 -15.00
CA ARG C 151 20.67 24.33 -15.10
C ARG C 151 21.08 22.93 -14.62
N GLU C 152 20.15 22.20 -13.97
CA GLU C 152 20.31 20.82 -13.47
C GLU C 152 19.54 19.87 -14.39
N LEU C 153 18.26 20.20 -14.69
CA LEU C 153 17.38 19.35 -15.51
C LEU C 153 16.75 20.19 -16.58
N ASP C 154 17.14 19.95 -17.84
CA ASP C 154 16.61 20.67 -19.00
C ASP C 154 15.46 19.87 -19.64
N LEU C 155 14.21 20.25 -19.31
CA LEU C 155 13.01 19.61 -19.85
C LEU C 155 12.83 20.04 -21.30
N GLN C 156 12.68 19.07 -22.18
CA GLN C 156 12.49 19.32 -23.60
C GLN C 156 11.34 18.48 -24.10
N MET C 157 10.55 19.00 -25.05
CA MET C 157 9.45 18.23 -25.59
C MET C 157 9.95 17.38 -26.74
N GLN C 158 9.29 16.25 -26.97
CA GLN C 158 9.55 15.39 -28.13
C GLN C 158 8.24 15.17 -28.87
N GLU C 159 8.31 14.68 -30.14
CA GLU C 159 7.16 14.43 -31.01
C GLU C 159 6.04 13.71 -30.28
N ALA C 160 4.86 14.35 -30.22
CA ALA C 160 3.63 13.87 -29.58
C ALA C 160 2.92 12.80 -30.45
N ASP C 161 1.74 12.30 -29.99
CA ASP C 161 0.97 11.28 -30.71
C ASP C 161 -0.52 11.24 -30.32
N ILE C 162 -1.47 11.54 -31.28
CA ILE C 162 -2.91 11.40 -30.90
C ILE C 162 -3.63 10.19 -31.56
N SER C 163 -2.81 9.27 -32.09
CA SER C 163 -3.25 8.02 -32.71
C SER C 163 -3.74 7.03 -31.64
N GLY C 164 -3.20 7.15 -30.44
CA GLY C 164 -3.53 6.29 -29.32
C GLY C 164 -4.91 6.52 -28.70
N TYR C 165 -5.56 7.65 -29.03
CA TYR C 165 -6.87 8.00 -28.47
C TYR C 165 -7.94 6.94 -28.76
N ILE C 166 -8.62 6.46 -27.68
CA ILE C 166 -9.68 5.46 -27.75
C ILE C 166 -10.89 5.96 -28.55
N PRO C 167 -11.24 5.23 -29.64
CA PRO C 167 -12.31 5.69 -30.51
C PRO C 167 -13.70 5.69 -29.89
N TYR C 168 -14.03 4.68 -29.03
CA TYR C 168 -15.31 4.61 -28.32
C TYR C 168 -15.26 5.65 -27.19
N SER C 169 -16.11 5.59 -26.16
CA SER C 169 -16.09 6.60 -25.06
C SER C 169 -16.91 7.83 -25.41
N ARG C 170 -17.54 8.42 -24.37
CA ARG C 170 -18.43 9.58 -24.45
C ARG C 170 -17.77 10.83 -24.98
N PHE C 171 -16.43 10.91 -24.88
CA PHE C 171 -15.71 12.13 -25.22
C PHE C 171 -14.97 12.14 -26.52
N GLU C 172 -15.20 13.20 -27.31
CA GLU C 172 -14.48 13.45 -28.54
C GLU C 172 -13.47 14.60 -28.30
N LEU C 173 -12.31 14.52 -28.98
CA LEU C 173 -11.26 15.54 -28.87
C LEU C 173 -11.48 16.70 -29.84
N VAL C 174 -11.63 17.91 -29.30
CA VAL C 174 -11.73 19.13 -30.11
C VAL C 174 -10.32 19.54 -30.50
N GLY C 175 -9.41 19.53 -29.53
CA GLY C 175 -8.01 19.88 -29.75
C GLY C 175 -7.06 19.49 -28.65
N VAL C 176 -5.80 19.23 -29.02
CA VAL C 176 -4.72 18.86 -28.11
C VAL C 176 -3.49 19.71 -28.44
N THR C 177 -2.84 20.28 -27.41
CA THR C 177 -1.64 21.11 -27.54
C THR C 177 -0.64 20.69 -26.49
N GLN C 178 0.66 20.83 -26.81
CA GLN C 178 1.79 20.61 -25.90
C GLN C 178 2.73 21.78 -26.13
N LYS C 179 3.10 22.47 -25.05
CA LYS C 179 3.99 23.62 -25.10
C LYS C 179 5.00 23.53 -23.96
N ARG C 180 6.29 23.78 -24.28
CA ARG C 180 7.29 23.86 -23.23
C ARG C 180 7.53 25.28 -22.84
N SER C 181 7.64 25.52 -21.54
CA SER C 181 7.83 26.87 -21.02
C SER C 181 8.92 26.95 -20.01
N GLU C 182 9.33 28.16 -19.71
CA GLU C 182 10.35 28.45 -18.73
C GLU C 182 10.09 29.79 -18.10
N ARG C 183 10.11 29.81 -16.78
CA ARG C 183 9.83 31.00 -16.00
C ARG C 183 10.80 31.10 -14.84
N PHE C 184 10.92 32.33 -14.33
CA PHE C 184 11.62 32.59 -13.10
C PHE C 184 10.57 32.64 -11.99
N TYR C 185 10.92 32.12 -10.80
CA TYR C 185 10.03 32.17 -9.65
C TYR C 185 10.70 33.05 -8.60
N GLU C 186 9.91 33.93 -7.95
CA GLU C 186 10.35 34.89 -6.90
C GLU C 186 11.21 34.22 -5.82
N CYS C 187 10.95 32.94 -5.56
CA CYS C 187 11.61 32.05 -4.61
C CYS C 187 13.07 31.82 -4.86
N CYS C 188 13.38 31.53 -6.13
CA CYS C 188 14.54 30.81 -6.56
C CYS C 188 15.76 31.39 -7.27
N LYS C 189 15.70 32.54 -7.90
CA LYS C 189 16.91 33.07 -8.54
C LYS C 189 17.34 32.28 -9.79
N GLU C 190 17.03 30.97 -9.77
CA GLU C 190 17.26 30.03 -10.85
C GLU C 190 15.91 29.71 -11.64
N PRO C 191 15.93 29.53 -12.99
CA PRO C 191 14.66 29.30 -13.72
C PRO C 191 14.26 27.84 -13.72
N TYR C 192 12.98 27.57 -14.02
CA TYR C 192 12.40 26.23 -14.09
C TYR C 192 11.59 25.99 -15.38
N PRO C 193 11.88 24.91 -16.15
CA PRO C 193 11.05 24.63 -17.32
C PRO C 193 9.83 23.77 -16.94
N ASP C 194 8.82 23.73 -17.80
CA ASP C 194 7.62 22.89 -17.66
C ASP C 194 7.03 22.57 -19.03
N VAL C 195 6.26 21.49 -19.12
CA VAL C 195 5.52 21.14 -20.33
C VAL C 195 4.03 21.17 -19.96
N THR C 196 3.24 21.91 -20.72
CA THR C 196 1.80 21.99 -20.49
C THR C 196 1.08 21.27 -21.58
N PHE C 197 0.30 20.28 -21.19
CA PHE C 197 -0.50 19.50 -22.12
C PHE C 197 -1.92 20.11 -22.04
N THR C 198 -2.45 20.66 -23.15
CA THR C 198 -3.76 21.28 -23.17
C THR C 198 -4.76 20.46 -23.97
N VAL C 199 -5.89 20.03 -23.35
CA VAL C 199 -6.94 19.26 -24.03
C VAL C 199 -8.24 20.03 -24.11
N THR C 200 -8.93 19.91 -25.23
CA THR C 200 -10.26 20.48 -25.41
C THR C 200 -11.10 19.30 -25.84
N PHE C 201 -12.09 18.95 -25.03
CA PHE C 201 -12.95 17.81 -25.30
C PHE C 201 -14.41 18.14 -25.06
N ARG C 202 -15.31 17.28 -25.54
CA ARG C 202 -16.75 17.45 -25.38
C ARG C 202 -17.49 16.12 -25.45
N LYS C 203 -18.63 16.07 -24.77
CA LYS C 203 -19.51 14.91 -24.77
C LYS C 203 -20.07 14.75 -26.18
N LYS C 204 -19.99 13.53 -26.73
CA LYS C 204 -20.51 13.16 -28.03
C LYS C 204 -22.07 13.26 -27.99
N GLY C 205 -22.70 13.70 -29.06
CA GLY C 205 -24.16 13.80 -29.11
C GLY C 205 -24.77 14.91 -28.28
N GLY D 1 26.73 15.43 -9.92
CA GLY D 1 28.15 15.69 -9.70
C GLY D 1 28.98 14.52 -9.21
N GLU D 2 30.33 14.58 -9.42
CA GLU D 2 31.20 13.49 -8.93
C GLU D 2 31.24 13.49 -7.42
N PHE D 3 31.07 14.69 -6.84
CA PHE D 3 31.01 14.97 -5.42
C PHE D 3 29.62 14.76 -4.90
N GLN D 4 28.61 14.75 -5.78
CA GLN D 4 27.24 14.50 -5.34
C GLN D 4 27.16 13.08 -4.71
N ARG D 5 27.81 12.09 -5.34
CA ARG D 5 27.90 10.70 -4.86
C ARG D 5 28.64 10.74 -3.53
N LYS D 6 29.81 11.45 -3.45
CA LYS D 6 30.61 11.59 -2.20
C LYS D 6 29.69 12.10 -1.10
N LEU D 7 28.98 13.20 -1.36
CA LEU D 7 28.01 13.81 -0.50
C LEU D 7 26.93 12.87 -0.05
N TYR D 8 26.22 12.23 -0.99
CA TYR D 8 25.15 11.30 -0.66
C TYR D 8 25.68 10.10 0.12
N LYS D 9 26.91 9.61 -0.17
CA LYS D 9 27.53 8.47 0.55
C LYS D 9 27.79 8.74 2.01
N GLU D 10 28.27 9.96 2.32
CA GLU D 10 28.51 10.32 3.71
C GLU D 10 27.23 10.79 4.38
N LEU D 11 26.41 11.54 3.65
CA LEU D 11 25.15 11.98 4.26
C LEU D 11 24.02 10.91 4.13
N VAL D 12 24.46 9.61 4.36
CA VAL D 12 23.80 8.29 4.43
C VAL D 12 24.51 7.36 5.49
N LYS D 13 25.84 7.25 5.41
CA LYS D 13 26.70 6.48 6.34
C LYS D 13 26.73 7.05 7.76
N ASN D 14 26.52 8.38 7.95
CA ASN D 14 26.60 8.96 9.29
C ASN D 14 25.39 9.73 9.82
N TYR D 15 24.35 9.98 9.01
CA TYR D 15 23.18 10.77 9.40
C TYR D 15 22.03 9.88 9.87
N ASN D 16 21.51 10.20 11.03
CA ASN D 16 20.37 9.49 11.60
C ASN D 16 19.13 10.37 11.39
N PRO D 17 18.19 9.93 10.50
CA PRO D 17 16.97 10.71 10.24
C PRO D 17 16.04 10.81 11.45
N ASP D 18 16.21 9.96 12.47
CA ASP D 18 15.34 9.91 13.65
C ASP D 18 15.65 10.98 14.68
N VAL D 19 16.83 11.63 14.56
CA VAL D 19 17.34 12.65 15.46
C VAL D 19 16.94 14.08 15.10
N ILE D 20 16.24 14.79 16.02
CA ILE D 20 15.80 16.17 15.82
C ILE D 20 17.09 16.98 15.89
N PRO D 21 17.41 17.79 14.86
CA PRO D 21 18.71 18.47 14.87
C PRO D 21 18.77 19.72 15.74
N THR D 22 18.50 19.54 17.03
CA THR D 22 18.61 20.60 18.01
C THR D 22 20.08 20.74 18.37
N GLN D 23 20.52 21.97 18.57
CA GLN D 23 21.88 22.16 19.01
C GLN D 23 21.88 22.89 20.33
N ARG D 24 22.27 22.14 21.40
CA ARG D 24 22.40 22.54 22.81
C ARG D 24 21.50 23.67 23.33
N ASP D 25 20.40 23.27 24.05
CA ASP D 25 19.38 24.15 24.63
C ASP D 25 18.70 25.10 23.62
N ARG D 26 18.80 24.78 22.31
CA ARG D 26 18.18 25.59 21.24
C ARG D 26 17.24 24.74 20.41
N PRO D 27 15.97 25.18 20.24
CA PRO D 27 15.05 24.37 19.44
C PRO D 27 15.33 24.51 17.95
N VAL D 28 14.78 23.59 17.16
CA VAL D 28 14.87 23.65 15.71
C VAL D 28 13.70 24.53 15.31
N THR D 29 13.99 25.66 14.68
CA THR D 29 12.87 26.47 14.25
C THR D 29 12.40 26.03 12.87
N VAL D 30 11.14 25.61 12.77
CA VAL D 30 10.52 25.22 11.53
C VAL D 30 9.49 26.26 11.03
N TYR D 31 9.72 26.76 9.83
CA TYR D 31 8.86 27.71 9.17
C TYR D 31 7.77 26.95 8.44
N PHE D 32 6.53 27.40 8.59
CA PHE D 32 5.38 26.69 8.07
C PHE D 32 4.37 27.63 7.46
N SER D 33 3.84 27.23 6.30
CA SER D 33 2.80 27.94 5.59
C SER D 33 1.91 26.95 4.85
N LEU D 34 0.58 27.20 4.82
CA LEU D 34 -0.36 26.35 4.07
C LEU D 34 -1.08 27.19 3.06
N SER D 35 -1.27 26.65 1.86
CA SER D 35 -1.94 27.38 0.83
C SER D 35 -3.05 26.54 0.24
N LEU D 36 -4.30 26.95 0.46
CA LEU D 36 -5.48 26.24 -0.04
C LEU D 36 -5.53 26.36 -1.57
N LEU D 37 -5.36 25.23 -2.26
CA LEU D 37 -5.36 25.20 -3.72
C LEU D 37 -6.76 24.94 -4.25
N GLN D 38 -7.48 24.01 -3.61
CA GLN D 38 -8.86 23.69 -3.98
C GLN D 38 -9.61 23.01 -2.83
N ILE D 39 -10.91 23.33 -2.67
CA ILE D 39 -11.81 22.64 -1.75
C ILE D 39 -12.49 21.64 -2.72
N MET D 40 -12.10 20.35 -2.64
CA MET D 40 -12.63 19.31 -3.53
C MET D 40 -14.12 19.05 -3.32
N ASP D 41 -14.53 18.80 -2.05
CA ASP D 41 -15.92 18.50 -1.71
C ASP D 41 -16.16 18.79 -0.26
N VAL D 42 -17.45 18.77 0.16
CA VAL D 42 -17.92 18.90 1.54
C VAL D 42 -18.96 17.80 1.78
N ASP D 43 -18.97 17.21 2.98
CA ASP D 43 -19.98 16.21 3.33
C ASP D 43 -20.76 16.86 4.46
N GLU D 44 -21.93 17.38 4.14
CA GLU D 44 -22.80 18.05 5.11
C GLU D 44 -23.37 17.09 6.16
N LYS D 45 -23.52 15.81 5.80
CA LYS D 45 -23.99 14.75 6.67
C LYS D 45 -22.92 14.39 7.70
N ASN D 46 -21.75 13.95 7.21
CA ASN D 46 -20.63 13.50 8.04
C ASN D 46 -19.77 14.57 8.64
N GLN D 47 -19.97 15.84 8.21
CA GLN D 47 -19.24 17.03 8.67
C GLN D 47 -17.75 16.94 8.36
N VAL D 48 -17.43 16.92 7.05
CA VAL D 48 -16.05 16.81 6.55
C VAL D 48 -15.76 17.72 5.32
N VAL D 49 -14.49 18.12 5.15
CA VAL D 49 -13.98 18.89 3.99
C VAL D 49 -12.89 18.08 3.31
N ASP D 50 -12.94 17.99 1.98
CA ASP D 50 -11.93 17.32 1.17
C ASP D 50 -11.21 18.47 0.53
N VAL D 51 -9.96 18.63 0.87
CA VAL D 51 -9.16 19.80 0.50
C VAL D 51 -7.78 19.47 -0.08
N VAL D 52 -7.27 20.32 -0.98
CA VAL D 52 -5.93 20.19 -1.59
C VAL D 52 -5.14 21.40 -1.15
N PHE D 53 -4.07 21.15 -0.38
CA PHE D 53 -3.18 22.15 0.20
C PHE D 53 -1.80 22.04 -0.41
N TRP D 54 -1.07 23.18 -0.47
CA TRP D 54 0.34 23.21 -0.77
C TRP D 54 0.98 23.62 0.53
N LEU D 55 1.88 22.77 1.04
CA LEU D 55 2.61 23.00 2.29
C LEU D 55 4.01 23.58 2.00
N GLN D 56 4.43 24.57 2.77
CA GLN D 56 5.78 25.08 2.65
C GLN D 56 6.47 24.89 4.02
N MET D 57 7.42 23.93 4.12
CA MET D 57 8.15 23.69 5.36
C MET D 57 9.65 23.88 5.18
N SER D 58 10.23 24.72 6.03
CA SER D 58 11.66 24.94 5.98
C SER D 58 12.22 24.97 7.35
N TRP D 59 13.42 24.41 7.48
CA TRP D 59 14.20 24.39 8.73
C TRP D 59 15.66 24.25 8.41
N THR D 60 16.48 24.49 9.41
CA THR D 60 17.90 24.26 9.28
C THR D 60 18.30 23.07 10.10
N ASP D 61 18.95 22.12 9.43
CA ASP D 61 19.53 20.95 10.03
C ASP D 61 21.04 21.14 9.93
N HIS D 62 21.66 21.40 11.09
CA HIS D 62 23.09 21.62 11.19
C HIS D 62 23.92 20.41 10.78
N TYR D 63 23.39 19.18 10.91
CA TYR D 63 24.07 17.97 10.50
C TYR D 63 24.16 17.86 8.98
N LEU D 64 23.41 18.67 8.23
CA LEU D 64 23.45 18.59 6.77
C LEU D 64 24.32 19.68 6.11
N GLN D 65 25.07 20.45 6.90
CA GLN D 65 25.88 21.49 6.27
C GLN D 65 27.27 21.02 5.81
N TRP D 66 27.78 21.65 4.75
CA TRP D 66 29.08 21.36 4.18
C TRP D 66 29.75 22.63 3.63
N ASN D 67 31.08 22.67 3.55
CA ASN D 67 31.76 23.81 2.94
C ASN D 67 31.82 23.49 1.43
N VAL D 68 31.89 24.50 0.53
CA VAL D 68 31.97 24.12 -0.88
C VAL D 68 33.29 23.45 -1.23
N SER D 69 34.34 23.71 -0.43
CA SER D 69 35.63 23.07 -0.60
C SER D 69 35.48 21.56 -0.45
N GLU D 70 34.54 21.09 0.40
CA GLU D 70 34.29 19.68 0.65
C GLU D 70 33.68 18.97 -0.56
N TYR D 71 32.73 19.64 -1.25
CA TYR D 71 32.01 19.12 -2.41
C TYR D 71 31.98 20.21 -3.50
N PRO D 72 33.13 20.38 -4.19
CA PRO D 72 33.29 21.46 -5.17
C PRO D 72 32.10 22.14 -5.88
N GLY D 73 31.51 21.48 -6.86
CA GLY D 73 30.38 22.13 -7.54
C GLY D 73 29.10 22.28 -6.73
N VAL D 74 28.77 21.22 -5.96
CA VAL D 74 27.59 21.02 -5.12
C VAL D 74 27.14 22.22 -4.26
N LYS D 75 26.09 22.91 -4.73
CA LYS D 75 25.45 24.05 -4.08
C LYS D 75 24.19 23.55 -3.32
N GLN D 76 23.43 22.64 -3.94
CA GLN D 76 22.23 22.04 -3.34
C GLN D 76 22.00 20.61 -3.80
N VAL D 77 21.18 19.85 -3.05
CA VAL D 77 20.84 18.46 -3.40
C VAL D 77 19.38 18.15 -3.10
N SER D 78 18.69 17.36 -3.99
CA SER D 78 17.34 16.84 -3.80
C SER D 78 17.47 15.51 -3.05
N VAL D 79 17.08 15.52 -1.80
CA VAL D 79 17.19 14.36 -0.96
C VAL D 79 15.82 13.76 -0.73
N PRO D 80 15.64 12.40 -0.80
CA PRO D 80 14.33 11.83 -0.46
C PRO D 80 14.04 12.13 1.02
N ILE D 81 12.81 12.60 1.35
CA ILE D 81 12.44 12.89 2.75
C ILE D 81 12.69 11.72 3.74
N SER D 82 12.60 10.46 3.28
CA SER D 82 12.89 9.32 4.15
C SER D 82 14.35 9.34 4.64
N SER D 83 15.27 9.99 3.88
CA SER D 83 16.70 10.09 4.25
C SER D 83 17.00 11.18 5.26
N LEU D 84 16.01 12.06 5.50
CA LEU D 84 16.17 13.22 6.37
C LEU D 84 15.27 13.18 7.58
N TRP D 85 15.64 14.02 8.58
CA TRP D 85 14.77 14.29 9.70
C TRP D 85 13.77 15.30 9.14
N VAL D 86 12.47 15.02 9.31
CA VAL D 86 11.41 15.93 8.93
C VAL D 86 10.55 16.19 10.16
N PRO D 87 10.12 17.45 10.39
CA PRO D 87 9.20 17.72 11.51
C PRO D 87 7.99 16.73 11.51
N ASP D 88 7.66 16.22 12.69
CA ASP D 88 6.54 15.31 12.88
C ASP D 88 5.21 16.10 12.94
N LEU D 89 4.92 16.89 11.90
CA LEU D 89 3.68 17.67 11.88
C LEU D 89 2.41 16.87 11.73
N ALA D 90 1.51 17.04 12.70
CA ALA D 90 0.23 16.36 12.71
C ALA D 90 -0.87 17.31 12.29
N ALA D 91 -1.84 16.78 11.56
CA ALA D 91 -3.06 17.49 11.21
C ALA D 91 -4.03 17.02 12.29
N TYR D 92 -4.27 17.87 13.29
CA TYR D 92 -5.11 17.56 14.45
C TYR D 92 -6.55 17.21 14.10
N ASN D 93 -7.07 17.72 12.97
CA ASN D 93 -8.48 17.52 12.61
C ASN D 93 -8.68 16.68 11.37
N ALA D 94 -7.61 16.01 10.95
CA ALA D 94 -7.65 15.13 9.81
C ALA D 94 -8.38 13.87 10.20
N ILE D 95 -9.27 13.43 9.29
CA ILE D 95 -10.06 12.20 9.45
C ILE D 95 -9.67 11.18 8.38
N SER D 96 -8.65 11.50 7.57
CA SER D 96 -8.08 10.59 6.58
C SER D 96 -6.56 10.79 6.57
N LYS D 97 -5.79 9.79 6.14
CA LYS D 97 -4.33 9.90 6.01
C LYS D 97 -4.00 10.91 4.87
N PRO D 98 -2.87 11.64 4.88
CA PRO D 98 -2.61 12.58 3.78
C PRO D 98 -2.20 11.85 2.51
N GLU D 99 -2.69 12.32 1.36
CA GLU D 99 -2.32 11.78 0.05
C GLU D 99 -1.29 12.80 -0.49
N VAL D 100 0.02 12.44 -0.49
CA VAL D 100 0.98 13.39 -1.03
C VAL D 100 1.13 13.25 -2.55
N LEU D 101 0.73 14.32 -3.23
CA LEU D 101 0.64 14.38 -4.68
C LEU D 101 1.94 14.59 -5.43
N THR D 102 2.90 15.28 -4.81
CA THR D 102 4.17 15.66 -5.43
C THR D 102 5.31 14.68 -5.11
N PRO D 103 6.47 14.69 -5.84
CA PRO D 103 7.57 13.79 -5.47
C PRO D 103 7.99 14.00 -4.02
N GLN D 104 8.24 12.90 -3.26
CA GLN D 104 8.62 13.02 -1.85
C GLN D 104 10.11 13.29 -1.66
N LEU D 105 10.53 14.48 -2.13
CA LEU D 105 11.91 14.98 -2.08
C LEU D 105 11.97 16.34 -1.43
N ALA D 106 13.12 16.69 -0.85
CA ALA D 106 13.35 17.99 -0.19
C ALA D 106 14.63 18.57 -0.72
N LEU D 107 14.76 19.90 -0.76
CA LEU D 107 15.99 20.55 -1.23
C LEU D 107 16.82 20.93 -0.05
N VAL D 108 18.13 20.64 -0.09
CA VAL D 108 19.06 20.99 0.99
C VAL D 108 20.17 21.93 0.47
N ASN D 109 20.33 23.11 1.10
CA ASN D 109 21.39 24.14 0.92
C ASN D 109 22.70 23.64 1.61
N SER D 110 23.85 24.15 1.16
CA SER D 110 25.16 23.87 1.71
C SER D 110 25.20 24.29 3.20
N SER D 111 24.26 25.14 3.64
CA SER D 111 24.23 25.62 5.00
C SER D 111 23.16 24.92 5.84
N GLY D 112 22.77 23.72 5.40
CA GLY D 112 21.79 22.85 6.05
C GLY D 112 20.34 23.30 6.02
N HIS D 113 19.95 24.16 5.09
CA HIS D 113 18.58 24.61 5.07
C HIS D 113 17.72 23.74 4.19
N VAL D 114 16.75 23.06 4.85
CA VAL D 114 15.86 22.11 4.18
C VAL D 114 14.57 22.77 3.80
N GLN D 115 14.10 22.50 2.61
CA GLN D 115 12.85 23.00 2.08
C GLN D 115 12.05 21.79 1.58
N TYR D 116 10.90 21.55 2.22
CA TYR D 116 9.98 20.48 1.88
C TYR D 116 8.65 21.14 1.50
N LEU D 117 8.26 21.04 0.21
CA LEU D 117 7.09 21.76 -0.29
C LEU D 117 6.04 20.84 -0.90
N PRO D 118 5.42 19.94 -0.11
CA PRO D 118 4.47 19.00 -0.74
C PRO D 118 3.08 19.52 -0.98
N SER D 119 2.40 18.91 -1.96
CA SER D 119 0.98 19.14 -2.22
C SER D 119 0.29 17.97 -1.57
N ILE D 120 -0.62 18.27 -0.65
CA ILE D 120 -1.30 17.22 0.08
C ILE D 120 -2.80 17.30 -0.18
N ARG D 121 -3.44 16.13 -0.36
CA ARG D 121 -4.90 16.07 -0.43
C ARG D 121 -5.28 15.33 0.81
N GLN D 122 -6.17 15.93 1.60
CA GLN D 122 -6.59 15.32 2.86
C GLN D 122 -8.02 15.71 3.18
N ARG D 123 -8.69 14.85 3.95
CA ARG D 123 -10.04 15.05 4.44
C ARG D 123 -10.01 15.41 5.93
N PHE D 124 -10.67 16.51 6.28
CA PHE D 124 -10.69 17.05 7.64
C PHE D 124 -12.08 17.12 8.22
N SER D 125 -12.20 16.98 9.55
CA SER D 125 -13.47 17.12 10.26
C SER D 125 -13.72 18.62 10.37
N CYS D 126 -14.92 19.06 9.97
CA CYS D 126 -15.28 20.46 9.98
C CYS D 126 -16.80 20.66 10.00
N ASP D 127 -17.28 21.74 10.66
CA ASP D 127 -18.72 22.07 10.70
C ASP D 127 -19.06 22.80 9.41
N VAL D 128 -19.52 22.04 8.40
CA VAL D 128 -19.82 22.58 7.07
C VAL D 128 -21.31 22.94 6.88
N SER D 129 -22.09 22.93 7.97
CA SER D 129 -23.53 23.21 7.97
C SER D 129 -23.93 24.53 7.29
N GLY D 130 -23.14 25.59 7.50
CA GLY D 130 -23.42 26.89 6.92
C GLY D 130 -22.83 27.17 5.55
N VAL D 131 -22.44 26.13 4.78
CA VAL D 131 -21.84 26.28 3.45
C VAL D 131 -22.76 26.99 2.41
N ASP D 132 -24.08 26.81 2.54
CA ASP D 132 -25.07 27.41 1.64
C ASP D 132 -25.57 28.79 2.07
N THR D 133 -24.98 29.35 3.14
CA THR D 133 -25.31 30.66 3.71
C THR D 133 -24.31 31.74 3.23
N GLU D 134 -24.66 33.02 3.41
CA GLU D 134 -23.79 34.13 3.03
C GLU D 134 -22.59 34.22 3.99
N SER D 135 -22.83 33.87 5.26
CA SER D 135 -21.84 33.82 6.33
C SER D 135 -20.81 32.75 6.00
N GLY D 136 -21.29 31.64 5.45
CA GLY D 136 -20.45 30.52 5.03
C GLY D 136 -20.00 29.63 6.15
N ALA D 137 -19.36 28.52 5.80
CA ALA D 137 -18.82 27.53 6.73
C ALA D 137 -17.40 27.90 7.11
N THR D 138 -17.03 27.66 8.38
CA THR D 138 -15.69 27.96 8.88
C THR D 138 -14.95 26.70 9.38
N CYS D 139 -13.76 26.42 8.82
CA CYS D 139 -12.96 25.28 9.23
C CYS D 139 -11.73 25.77 9.93
N LYS D 140 -11.54 25.36 11.20
CA LYS D 140 -10.34 25.69 11.95
C LYS D 140 -9.41 24.45 11.89
N LEU D 141 -8.60 24.35 10.84
CA LEU D 141 -7.63 23.25 10.63
C LEU D 141 -6.31 23.47 11.42
N LYS D 142 -6.13 22.74 12.56
CA LYS D 142 -4.98 22.84 13.47
C LYS D 142 -3.83 21.85 13.07
N PHE D 143 -2.58 22.32 13.08
CA PHE D 143 -1.38 21.54 12.73
C PHE D 143 -0.28 21.80 13.73
N GLY D 144 0.50 20.79 14.03
CA GLY D 144 1.61 20.93 14.95
C GLY D 144 2.37 19.65 15.20
N SER D 145 3.56 19.76 15.79
CA SER D 145 4.40 18.62 16.16
C SER D 145 3.60 17.77 17.13
N TRP D 146 3.61 16.48 16.88
CA TRP D 146 2.87 15.56 17.72
C TRP D 146 3.65 15.21 19.00
N THR D 147 5.00 15.09 18.87
CA THR D 147 5.84 14.64 19.98
C THR D 147 6.85 15.65 20.52
N HIS D 148 7.12 16.76 19.80
CA HIS D 148 8.07 17.79 20.22
C HIS D 148 7.46 19.06 20.80
N HIS D 149 7.89 19.45 22.00
CA HIS D 149 7.42 20.69 22.63
C HIS D 149 8.21 21.91 22.12
N SER D 150 7.79 23.13 22.54
CA SER D 150 8.37 24.43 22.16
C SER D 150 9.87 24.52 22.23
N ARG D 151 10.48 23.92 23.27
CA ARG D 151 11.93 24.01 23.44
C ARG D 151 12.73 23.04 22.55
N GLU D 152 12.06 22.13 21.80
CA GLU D 152 12.69 21.18 20.89
C GLU D 152 12.38 21.62 19.46
N LEU D 153 11.10 21.91 19.15
CA LEU D 153 10.67 22.32 17.81
C LEU D 153 9.84 23.61 17.92
N ASP D 154 10.42 24.72 17.38
CA ASP D 154 9.79 26.03 17.36
C ASP D 154 9.08 26.25 16.03
N LEU D 155 7.77 25.97 16.00
CA LEU D 155 6.92 26.18 14.82
C LEU D 155 6.73 27.67 14.63
N GLN D 156 7.00 28.16 13.43
CA GLN D 156 6.84 29.59 13.10
C GLN D 156 6.11 29.69 11.81
N MET D 157 5.23 30.67 11.70
CA MET D 157 4.45 30.90 10.51
C MET D 157 5.24 31.69 9.50
N GLN D 158 4.88 31.53 8.26
CA GLN D 158 5.43 32.27 7.15
C GLN D 158 4.24 32.89 6.46
N GLU D 159 4.53 33.82 5.54
CA GLU D 159 3.54 34.55 4.75
C GLU D 159 2.94 33.59 3.72
N ALA D 160 1.60 33.42 3.78
CA ALA D 160 0.88 32.53 2.88
C ALA D 160 0.20 33.32 1.76
N ASP D 161 0.31 32.80 0.52
CA ASP D 161 -0.32 33.37 -0.66
C ASP D 161 -1.59 32.57 -1.00
N ILE D 162 -2.71 33.31 -1.19
CA ILE D 162 -3.96 32.69 -1.64
C ILE D 162 -4.15 32.85 -3.19
N SER D 163 -3.00 33.04 -3.87
CA SER D 163 -2.87 33.16 -5.33
C SER D 163 -3.11 31.81 -6.00
N GLY D 164 -2.78 30.74 -5.30
CA GLY D 164 -2.92 29.37 -5.79
C GLY D 164 -4.34 28.85 -5.83
N TYR D 165 -5.31 29.57 -5.19
CA TYR D 165 -6.70 29.12 -5.13
C TYR D 165 -7.33 28.99 -6.52
N ILE D 166 -7.89 27.80 -6.81
CA ILE D 166 -8.54 27.47 -8.07
C ILE D 166 -9.77 28.37 -8.34
N PRO D 167 -9.74 29.11 -9.46
CA PRO D 167 -10.83 30.07 -9.75
C PRO D 167 -12.18 29.42 -10.05
N TYR D 168 -12.19 28.25 -10.74
CA TYR D 168 -13.44 27.52 -11.02
C TYR D 168 -13.86 26.80 -9.69
N SER D 169 -14.73 25.81 -9.72
CA SER D 169 -15.15 25.14 -8.44
C SER D 169 -16.30 25.86 -7.77
N ARG D 170 -17.20 25.06 -7.13
CA ARG D 170 -18.41 25.50 -6.44
C ARG D 170 -18.16 26.46 -5.30
N PHE D 171 -16.94 26.43 -4.72
CA PHE D 171 -16.66 27.20 -3.51
C PHE D 171 -15.84 28.45 -3.68
N GLU D 172 -16.35 29.56 -3.11
CA GLU D 172 -15.61 30.81 -3.07
C GLU D 172 -15.08 31.04 -1.65
N LEU D 173 -13.92 31.71 -1.52
CA LEU D 173 -13.30 32.02 -0.22
C LEU D 173 -13.78 33.32 0.38
N VAL D 174 -14.44 33.24 1.54
CA VAL D 174 -14.89 34.43 2.27
C VAL D 174 -13.69 35.01 3.03
N GLY D 175 -12.92 34.13 3.67
CA GLY D 175 -11.73 34.52 4.41
C GLY D 175 -10.80 33.39 4.77
N VAL D 176 -9.50 33.68 4.83
CA VAL D 176 -8.46 32.74 5.23
C VAL D 176 -7.56 33.39 6.27
N THR D 177 -7.31 32.70 7.39
CA THR D 177 -6.49 33.19 8.49
C THR D 177 -5.51 32.08 8.91
N GLN D 178 -4.36 32.49 9.42
CA GLN D 178 -3.33 31.63 9.98
C GLN D 178 -2.85 32.27 11.29
N LYS D 179 -2.89 31.50 12.37
CA LYS D 179 -2.48 31.96 13.71
C LYS D 179 -1.60 30.92 14.38
N ARG D 180 -0.45 31.35 14.93
CA ARG D 180 0.39 30.43 15.66
C ARG D 180 0.14 30.56 17.17
N SER D 181 0.04 29.41 17.84
CA SER D 181 -0.24 29.37 19.28
C SER D 181 0.67 28.39 19.98
N GLU D 182 0.63 28.38 21.31
CA GLU D 182 1.41 27.50 22.19
C GLU D 182 0.43 27.07 23.26
N ARG D 183 0.09 25.80 23.24
CA ARG D 183 -0.88 25.26 24.18
C ARG D 183 -0.27 24.49 25.33
N PHE D 184 -0.93 24.52 26.49
CA PHE D 184 -0.46 23.76 27.62
C PHE D 184 -1.31 22.50 27.79
N TYR D 185 -0.64 21.36 27.96
CA TYR D 185 -1.32 20.09 28.20
C TYR D 185 -0.97 19.66 29.65
N GLU D 186 -1.99 19.15 30.38
CA GLU D 186 -1.89 18.71 31.79
C GLU D 186 -0.77 17.68 32.02
N CYS D 187 -0.35 17.03 30.93
CA CYS D 187 0.66 15.98 30.83
C CYS D 187 2.02 16.48 31.10
N CYS D 188 2.33 17.63 30.50
CA CYS D 188 3.67 18.05 30.26
C CYS D 188 4.30 19.24 30.90
N LYS D 189 3.65 20.41 30.97
CA LYS D 189 4.26 21.63 31.54
C LYS D 189 5.23 22.42 30.57
N GLU D 190 5.66 21.80 29.47
CA GLU D 190 6.37 22.48 28.38
C GLU D 190 5.25 22.64 27.33
N PRO D 191 5.04 23.84 26.75
CA PRO D 191 3.91 24.00 25.80
C PRO D 191 4.11 23.35 24.43
N TYR D 192 3.01 23.18 23.67
CA TYR D 192 3.11 22.60 22.35
C TYR D 192 2.63 23.59 21.32
N PRO D 193 3.58 24.11 20.50
CA PRO D 193 3.18 25.10 19.48
C PRO D 193 2.35 24.51 18.34
N ASP D 194 1.43 25.32 17.79
CA ASP D 194 0.57 24.91 16.68
C ASP D 194 0.21 26.06 15.76
N VAL D 195 -0.11 25.75 14.50
CA VAL D 195 -0.57 26.74 13.54
C VAL D 195 -2.00 26.34 13.17
N THR D 196 -2.95 27.27 13.31
CA THR D 196 -4.33 26.99 12.94
C THR D 196 -4.66 27.76 11.69
N PHE D 197 -5.04 27.03 10.65
CA PHE D 197 -5.41 27.60 9.38
C PHE D 197 -6.93 27.68 9.42
N THR D 198 -7.50 28.88 9.34
CA THR D 198 -8.95 29.07 9.41
C THR D 198 -9.50 29.50 8.06
N VAL D 199 -10.45 28.72 7.51
CA VAL D 199 -11.09 29.01 6.21
C VAL D 199 -12.55 29.31 6.38
N THR D 200 -13.04 30.28 5.65
CA THR D 200 -14.46 30.60 5.59
C THR D 200 -14.80 30.55 4.11
N PHE D 201 -15.66 29.61 3.73
CA PHE D 201 -16.04 29.42 2.34
C PHE D 201 -17.53 29.24 2.20
N ARG D 202 -18.03 29.35 0.97
CA ARG D 202 -19.44 29.19 0.67
C ARG D 202 -19.66 28.76 -0.76
N LYS D 203 -20.80 28.07 -1.00
CA LYS D 203 -21.21 27.62 -2.33
C LYS D 203 -21.54 28.88 -3.12
N LYS D 204 -20.99 28.99 -4.34
CA LYS D 204 -21.17 30.13 -5.24
C LYS D 204 -22.64 30.28 -5.64
N GLY D 205 -23.09 31.54 -5.71
CA GLY D 205 -24.47 31.89 -6.03
C GLY D 205 -25.27 32.12 -4.76
N GLY E 1 20.93 17.08 18.56
CA GLY E 1 21.49 16.70 19.86
C GLY E 1 22.67 15.77 19.73
N GLU E 2 23.85 16.22 20.21
CA GLU E 2 25.10 15.44 20.14
C GLU E 2 25.01 14.18 20.99
N PHE E 3 24.37 14.29 22.16
CA PHE E 3 24.20 13.16 23.06
C PHE E 3 23.08 12.32 22.58
N GLN E 4 22.07 12.95 21.97
CA GLN E 4 20.89 12.33 21.38
C GLN E 4 21.33 11.33 20.30
N ARG E 5 22.25 11.77 19.41
CA ARG E 5 22.86 10.98 18.34
C ARG E 5 23.62 9.80 18.97
N LYS E 6 24.35 10.08 20.08
CA LYS E 6 25.11 9.11 20.88
C LYS E 6 24.14 8.14 21.54
N LEU E 7 22.93 8.61 21.95
CA LEU E 7 21.91 7.77 22.60
C LEU E 7 21.20 6.80 21.65
N TYR E 8 20.80 7.30 20.46
CA TYR E 8 20.15 6.48 19.45
C TYR E 8 21.06 5.32 19.02
N LYS E 9 22.41 5.50 19.09
CA LYS E 9 23.36 4.46 18.72
C LYS E 9 23.29 3.28 19.72
N GLU E 10 23.21 3.59 21.03
CA GLU E 10 23.10 2.61 22.11
C GLU E 10 21.69 2.00 22.16
N LEU E 11 20.62 2.84 22.09
CA LEU E 11 19.23 2.40 22.09
C LEU E 11 18.92 1.41 20.91
N VAL E 12 19.89 1.26 20.00
CA VAL E 12 19.81 0.40 18.81
C VAL E 12 20.66 -0.82 19.01
N LYS E 13 21.91 -0.63 19.55
CA LYS E 13 22.96 -1.64 19.76
C LYS E 13 22.49 -3.10 19.74
N ASN E 14 21.68 -3.52 20.71
CA ASN E 14 21.20 -4.91 20.72
C ASN E 14 19.70 -4.99 20.90
N TYR E 15 18.98 -4.03 20.31
CA TYR E 15 17.54 -3.99 20.48
C TYR E 15 16.76 -4.75 19.41
N ASN E 16 15.88 -5.69 19.87
CA ASN E 16 15.00 -6.46 19.02
C ASN E 16 13.56 -6.03 19.31
N PRO E 17 12.85 -5.31 18.37
CA PRO E 17 11.46 -4.91 18.67
C PRO E 17 10.46 -6.06 18.72
N ASP E 18 10.86 -7.29 18.31
CA ASP E 18 9.96 -8.44 18.33
C ASP E 18 9.81 -9.06 19.72
N VAL E 19 10.73 -8.71 20.64
CA VAL E 19 10.82 -9.21 22.00
C VAL E 19 10.01 -8.37 23.01
N ILE E 20 9.06 -8.99 23.73
CA ILE E 20 8.28 -8.30 24.77
C ILE E 20 9.24 -8.00 25.93
N PRO E 21 9.36 -6.74 26.40
CA PRO E 21 10.39 -6.44 27.40
C PRO E 21 10.04 -6.83 28.81
N THR E 22 9.68 -8.09 29.02
CA THR E 22 9.40 -8.63 30.35
C THR E 22 10.71 -8.78 31.09
N GLN E 23 10.69 -8.56 32.42
CA GLN E 23 11.86 -8.75 33.29
C GLN E 23 11.63 -9.96 34.17
N ARG E 24 12.51 -10.97 34.07
CA ARG E 24 12.51 -12.24 34.80
C ARG E 24 11.19 -12.61 35.51
N ASP E 25 10.23 -13.16 34.73
CA ASP E 25 8.91 -13.61 35.21
C ASP E 25 7.93 -12.49 35.68
N ARG E 26 8.12 -11.25 35.20
CA ARG E 26 7.23 -10.13 35.54
C ARG E 26 6.59 -9.63 34.25
N PRO E 27 5.25 -9.40 34.22
CA PRO E 27 4.65 -8.94 32.96
C PRO E 27 4.96 -7.48 32.70
N VAL E 28 4.81 -7.05 31.46
CA VAL E 28 4.94 -5.65 31.06
C VAL E 28 3.57 -5.06 31.30
N THR E 29 3.47 -4.10 32.19
CA THR E 29 2.16 -3.50 32.40
C THR E 29 1.93 -2.37 31.42
N VAL E 30 0.87 -2.51 30.61
CA VAL E 30 0.50 -1.50 29.65
C VAL E 30 -0.77 -0.77 30.03
N TYR E 31 -0.64 0.56 30.10
CA TYR E 31 -1.74 1.46 30.44
C TYR E 31 -2.48 1.82 29.17
N PHE E 32 -3.81 1.72 29.22
CA PHE E 32 -4.61 1.90 28.02
C PHE E 32 -5.87 2.68 28.28
N SER E 33 -6.18 3.58 27.37
CA SER E 33 -7.40 4.39 27.35
C SER E 33 -7.76 4.77 25.94
N LEU E 34 -9.05 4.95 25.71
CA LEU E 34 -9.62 5.27 24.42
C LEU E 34 -10.55 6.50 24.57
N SER E 35 -10.43 7.47 23.63
CA SER E 35 -11.27 8.68 23.68
C SER E 35 -11.97 8.87 22.36
N LEU E 36 -13.30 8.73 22.35
CA LEU E 36 -14.13 8.88 21.17
C LEU E 36 -14.12 10.36 20.74
N LEU E 37 -13.49 10.62 19.57
CA LEU E 37 -13.38 11.99 19.05
C LEU E 37 -14.54 12.32 18.17
N GLN E 38 -14.97 11.35 17.34
CA GLN E 38 -16.11 11.53 16.45
C GLN E 38 -16.64 10.19 15.96
N ILE E 39 -17.98 10.10 15.84
CA ILE E 39 -18.63 8.95 15.21
C ILE E 39 -18.85 9.46 13.79
N MET E 40 -18.05 8.97 12.84
CA MET E 40 -18.12 9.43 11.44
C MET E 40 -19.42 9.11 10.75
N ASP E 41 -19.83 7.82 10.81
CA ASP E 41 -21.03 7.31 10.16
C ASP E 41 -21.45 6.01 10.82
N VAL E 42 -22.66 5.56 10.47
CA VAL E 42 -23.25 4.28 10.87
C VAL E 42 -23.83 3.64 9.63
N ASP E 43 -23.76 2.31 9.52
CA ASP E 43 -24.35 1.61 8.39
C ASP E 43 -25.41 0.73 9.01
N GLU E 44 -26.67 1.17 8.93
CA GLU E 44 -27.80 0.46 9.53
C GLU E 44 -28.08 -0.88 8.86
N LYS E 45 -27.73 -0.99 7.57
CA LYS E 45 -27.88 -2.19 6.75
C LYS E 45 -26.85 -3.24 7.15
N ASN E 46 -25.56 -2.88 7.05
CA ASN E 46 -24.43 -3.75 7.34
C ASN E 46 -24.07 -3.92 8.79
N GLN E 47 -24.67 -3.09 9.68
CA GLN E 47 -24.43 -3.09 11.14
C GLN E 47 -22.96 -2.78 11.49
N VAL E 48 -22.55 -1.54 11.16
CA VAL E 48 -21.19 -1.04 11.38
C VAL E 48 -21.13 0.43 11.88
N VAL E 49 -20.07 0.78 12.63
CA VAL E 49 -19.77 2.15 13.09
C VAL E 49 -18.42 2.58 12.53
N ASP E 50 -18.35 3.79 12.02
CA ASP E 50 -17.13 4.38 11.51
C ASP E 50 -16.81 5.41 12.55
N VAL E 51 -15.72 5.22 13.26
CA VAL E 51 -15.36 5.99 14.43
C VAL E 51 -13.91 6.50 14.41
N VAL E 52 -13.67 7.66 15.04
CA VAL E 52 -12.32 8.25 15.20
C VAL E 52 -12.03 8.29 16.68
N PHE E 53 -10.99 7.54 17.07
CA PHE E 53 -10.54 7.39 18.45
C PHE E 53 -9.18 8.04 18.66
N TRP E 54 -8.91 8.52 19.88
CA TRP E 54 -7.57 8.89 20.31
C TRP E 54 -7.19 7.81 21.33
N LEU E 55 -6.08 7.11 21.08
CA LEU E 55 -5.56 6.06 21.94
C LEU E 55 -4.45 6.62 22.83
N GLN E 56 -4.48 6.27 24.14
CA GLN E 56 -3.39 6.58 25.05
C GLN E 56 -2.81 5.24 25.55
N MET E 57 -1.70 4.79 25.01
CA MET E 57 -1.07 3.55 25.43
C MET E 57 0.31 3.82 26.05
N SER E 58 0.55 3.37 27.28
CA SER E 58 1.86 3.55 27.88
C SER E 58 2.41 2.29 28.57
N TRP E 59 3.71 2.10 28.48
CA TRP E 59 4.40 0.96 29.07
C TRP E 59 5.86 1.33 29.30
N THR E 60 6.58 0.50 30.07
CA THR E 60 7.98 0.70 30.41
C THR E 60 8.75 -0.41 29.75
N ASP E 61 9.75 -0.04 28.95
CA ASP E 61 10.61 -0.98 28.25
C ASP E 61 11.99 -0.82 28.85
N HIS E 62 12.35 -1.70 29.79
CA HIS E 62 13.63 -1.63 30.51
C HIS E 62 14.89 -1.56 29.66
N TYR E 63 14.84 -2.05 28.41
CA TYR E 63 15.97 -2.02 27.48
C TYR E 63 16.16 -0.63 26.92
N LEU E 64 15.17 0.24 27.11
CA LEU E 64 15.20 1.62 26.59
C LEU E 64 15.66 2.67 27.58
N GLN E 65 15.97 2.29 28.84
CA GLN E 65 16.40 3.26 29.84
C GLN E 65 17.88 3.66 29.67
N TRP E 66 18.22 4.89 30.08
CA TRP E 66 19.59 5.42 30.02
C TRP E 66 19.90 6.34 31.19
N ASN E 67 21.21 6.50 31.51
CA ASN E 67 21.69 7.38 32.58
C ASN E 67 21.76 8.80 32.05
N VAL E 68 20.93 9.71 32.59
CA VAL E 68 20.87 11.12 32.14
C VAL E 68 22.21 11.86 32.31
N SER E 69 23.07 11.33 33.20
CA SER E 69 24.41 11.85 33.45
C SER E 69 25.30 11.54 32.23
N GLU E 70 25.11 10.37 31.60
CA GLU E 70 25.88 9.95 30.43
C GLU E 70 25.48 10.75 29.19
N TYR E 71 24.21 11.21 29.14
CA TYR E 71 23.62 11.99 28.03
C TYR E 71 22.93 13.25 28.60
N PRO E 72 23.72 14.29 29.00
CA PRO E 72 23.16 15.48 29.66
C PRO E 72 21.76 16.02 29.30
N GLY E 73 21.65 16.71 28.19
CA GLY E 73 20.40 17.34 27.78
C GLY E 73 19.22 16.42 27.56
N VAL E 74 19.48 15.18 27.10
CA VAL E 74 18.50 14.15 26.74
C VAL E 74 17.59 13.65 27.90
N LYS E 75 16.41 14.25 28.02
CA LYS E 75 15.38 13.91 28.99
C LYS E 75 14.40 12.89 28.35
N GLN E 76 14.05 13.11 27.06
CA GLN E 76 13.17 12.23 26.29
C GLN E 76 13.54 12.20 24.80
N VAL E 77 13.06 11.17 24.06
CA VAL E 77 13.33 11.00 22.62
C VAL E 77 12.07 10.53 21.87
N SER E 78 11.85 11.03 20.62
CA SER E 78 10.74 10.59 19.74
C SER E 78 11.28 9.47 18.83
N VAL E 79 10.82 8.25 19.10
CA VAL E 79 11.28 7.10 18.36
C VAL E 79 10.16 6.62 17.43
N PRO E 80 10.45 6.23 16.15
CA PRO E 80 9.39 5.66 15.30
C PRO E 80 8.93 4.34 15.92
N ILE E 81 7.60 4.10 16.05
CA ILE E 81 7.06 2.85 16.59
C ILE E 81 7.63 1.59 15.98
N SER E 82 7.97 1.64 14.69
CA SER E 82 8.55 0.47 14.02
C SER E 82 9.90 0.04 14.64
N SER E 83 10.62 0.99 15.30
CA SER E 83 11.93 0.76 15.91
C SER E 83 11.84 0.12 17.28
N LEU E 84 10.62 0.11 17.87
CA LEU E 84 10.49 -0.46 19.21
C LEU E 84 9.35 -1.43 19.42
N TRP E 85 9.42 -2.22 20.50
CA TRP E 85 8.35 -3.17 20.82
C TRP E 85 7.11 -2.40 21.19
N VAL E 86 5.98 -2.70 20.54
CA VAL E 86 4.69 -2.09 20.86
C VAL E 86 3.68 -3.20 21.21
N PRO E 87 2.77 -2.98 22.19
CA PRO E 87 1.78 -4.02 22.50
C PRO E 87 0.96 -4.41 21.29
N ASP E 88 0.77 -5.75 21.08
CA ASP E 88 0.01 -6.33 19.98
C ASP E 88 -1.51 -6.24 20.25
N LEU E 89 -2.00 -5.02 20.51
CA LEU E 89 -3.42 -4.81 20.80
C LEU E 89 -4.34 -5.01 19.60
N ALA E 90 -5.28 -5.94 19.77
CA ALA E 90 -6.27 -6.26 18.76
C ALA E 90 -7.59 -5.60 19.08
N ALA E 91 -8.28 -5.14 18.06
CA ALA E 91 -9.63 -4.61 18.15
C ALA E 91 -10.48 -5.83 17.76
N TYR E 92 -11.07 -6.51 18.75
CA TYR E 92 -11.83 -7.74 18.57
C TYR E 92 -13.07 -7.58 17.66
N ASN E 93 -13.64 -6.37 17.56
CA ASN E 93 -14.85 -6.17 16.75
C ASN E 93 -14.62 -5.29 15.53
N ALA E 94 -13.34 -5.06 15.18
CA ALA E 94 -12.99 -4.27 14.03
C ALA E 94 -13.23 -5.12 12.79
N ILE E 95 -13.84 -4.47 11.78
CA ILE E 95 -14.16 -5.08 10.50
C ILE E 95 -13.42 -4.39 9.36
N SER E 96 -12.47 -3.51 9.72
CA SER E 96 -11.56 -2.81 8.80
C SER E 96 -10.20 -2.63 9.52
N LYS E 97 -9.12 -2.51 8.74
CA LYS E 97 -7.78 -2.27 9.29
C LYS E 97 -7.75 -0.85 9.89
N PRO E 98 -6.92 -0.56 10.94
CA PRO E 98 -6.89 0.82 11.48
C PRO E 98 -6.18 1.79 10.56
N GLU E 99 -6.75 3.00 10.42
CA GLU E 99 -6.16 4.07 9.64
C GLU E 99 -5.51 5.00 10.69
N VAL E 100 -4.15 4.97 10.85
CA VAL E 100 -3.55 5.86 11.85
C VAL E 100 -3.29 7.25 11.26
N LEU E 101 -4.01 8.23 11.81
CA LEU E 101 -4.00 9.59 11.33
C LEU E 101 -2.80 10.45 11.72
N THR E 102 -2.24 10.22 12.90
CA THR E 102 -1.13 10.98 13.46
C THR E 102 0.27 10.41 13.13
N PRO E 103 1.39 11.20 13.29
CA PRO E 103 2.74 10.64 13.05
C PRO E 103 2.98 9.38 13.86
N GLN E 104 3.56 8.33 13.23
CA GLN E 104 3.79 7.07 13.93
C GLN E 104 5.04 7.06 14.79
N LEU E 105 5.04 7.91 15.84
CA LEU E 105 6.17 8.11 16.77
C LEU E 105 5.72 7.93 18.18
N ALA E 106 6.64 7.50 19.07
CA ALA E 106 6.37 7.33 20.49
C ALA E 106 7.40 8.12 21.27
N LEU E 107 7.03 8.65 22.47
CA LEU E 107 7.95 9.41 23.32
C LEU E 107 8.56 8.46 24.31
N VAL E 108 9.86 8.51 24.49
CA VAL E 108 10.53 7.62 25.46
C VAL E 108 11.39 8.39 26.52
N ASN E 109 11.05 8.23 27.84
CA ASN E 109 11.72 8.82 29.05
C ASN E 109 13.06 8.17 29.26
N SER E 110 13.86 8.76 30.14
CA SER E 110 15.17 8.24 30.53
C SER E 110 15.06 6.94 31.33
N SER E 111 13.84 6.64 31.85
CA SER E 111 13.57 5.43 32.63
C SER E 111 12.82 4.35 31.85
N GLY E 112 12.72 4.54 30.54
CA GLY E 112 12.10 3.59 29.63
C GLY E 112 10.60 3.70 29.50
N HIS E 113 10.01 4.83 29.93
CA HIS E 113 8.57 4.96 29.79
C HIS E 113 8.21 5.40 28.41
N VAL E 114 7.47 4.52 27.72
CA VAL E 114 7.02 4.74 26.35
C VAL E 114 5.60 5.20 26.33
N GLN E 115 5.35 6.26 25.61
CA GLN E 115 4.01 6.84 25.44
C GLN E 115 3.71 6.89 23.94
N TYR E 116 2.69 6.15 23.50
CA TYR E 116 2.22 6.09 22.12
C TYR E 116 0.77 6.58 22.12
N LEU E 117 0.53 7.74 21.48
CA LEU E 117 -0.79 8.39 21.55
C LEU E 117 -1.43 8.60 20.19
N PRO E 118 -1.74 7.54 19.42
CA PRO E 118 -2.25 7.76 18.06
C PRO E 118 -3.74 8.06 17.97
N SER E 119 -4.12 8.73 16.84
CA SER E 119 -5.51 8.95 16.45
C SER E 119 -5.77 7.89 15.41
N ILE E 120 -6.76 7.05 15.68
CA ILE E 120 -7.08 5.96 14.75
C ILE E 120 -8.49 6.14 14.22
N ARG E 121 -8.68 5.91 12.92
CA ARG E 121 -10.02 5.85 12.34
C ARG E 121 -10.21 4.39 11.96
N GLN E 122 -11.28 3.79 12.47
CA GLN E 122 -11.54 2.38 12.20
C GLN E 122 -13.05 2.13 12.15
N ARG E 123 -13.42 1.07 11.44
CA ARG E 123 -14.79 0.63 11.29
C ARG E 123 -15.00 -0.65 12.12
N PHE E 124 -16.01 -0.65 12.99
CA PHE E 124 -16.33 -1.74 13.90
C PHE E 124 -17.71 -2.32 13.65
N SER E 125 -17.87 -3.62 13.93
CA SER E 125 -19.17 -4.29 13.84
C SER E 125 -19.95 -3.89 15.09
N CYS E 126 -21.19 -3.45 14.90
CA CYS E 126 -22.02 -2.98 15.99
C CYS E 126 -23.51 -3.00 15.64
N ASP E 127 -24.37 -3.28 16.63
CA ASP E 127 -25.82 -3.27 16.42
C ASP E 127 -26.30 -1.82 16.50
N VAL E 128 -26.38 -1.14 15.34
CA VAL E 128 -26.76 0.27 15.23
C VAL E 128 -28.26 0.50 14.99
N SER E 129 -29.08 -0.56 15.08
CA SER E 129 -30.51 -0.54 14.81
C SER E 129 -31.29 0.53 15.59
N GLY E 130 -30.92 0.73 16.87
CA GLY E 130 -31.59 1.69 17.74
C GLY E 130 -31.05 3.10 17.73
N VAL E 131 -30.28 3.48 16.69
CA VAL E 131 -29.65 4.81 16.60
C VAL E 131 -30.68 5.98 16.55
N ASP E 132 -31.88 5.73 15.99
CA ASP E 132 -32.94 6.72 15.84
C ASP E 132 -33.92 6.78 17.04
N THR E 133 -33.64 5.99 18.08
CA THR E 133 -34.44 5.89 19.30
C THR E 133 -33.85 6.75 20.43
N GLU E 134 -34.64 7.01 21.49
CA GLU E 134 -34.18 7.79 22.64
C GLU E 134 -33.20 6.97 23.49
N SER E 135 -33.39 5.66 23.51
CA SER E 135 -32.53 4.69 24.17
C SER E 135 -31.15 4.67 23.48
N GLY E 136 -31.17 4.79 22.15
CA GLY E 136 -29.96 4.85 21.33
C GLY E 136 -29.30 3.50 21.08
N ALA E 137 -28.28 3.50 20.21
CA ALA E 137 -27.52 2.30 19.84
C ALA E 137 -26.33 2.13 20.77
N THR E 138 -25.99 0.88 21.11
CA THR E 138 -24.87 0.58 22.00
C THR E 138 -23.79 -0.27 21.34
N CYS E 139 -22.53 0.19 21.34
CA CYS E 139 -21.41 -0.56 20.77
C CYS E 139 -20.48 -0.98 21.89
N LYS E 140 -20.25 -2.30 22.04
CA LYS E 140 -19.31 -2.82 23.02
C LYS E 140 -18.00 -3.16 22.26
N LEU E 141 -17.09 -2.17 22.10
CA LEU E 141 -15.81 -2.33 21.42
C LEU E 141 -14.72 -2.93 22.35
N LYS E 142 -14.40 -4.24 22.17
CA LYS E 142 -13.40 -5.00 22.94
C LYS E 142 -11.96 -4.93 22.33
N PHE E 143 -10.94 -4.69 23.17
CA PHE E 143 -9.52 -4.57 22.78
C PHE E 143 -8.63 -5.34 23.74
N GLY E 144 -7.57 -5.93 23.21
CA GLY E 144 -6.64 -6.68 24.02
C GLY E 144 -5.52 -7.31 23.23
N SER E 145 -4.46 -7.76 23.93
CA SER E 145 -3.31 -8.44 23.31
C SER E 145 -3.84 -9.69 22.60
N TRP E 146 -3.37 -9.91 21.40
CA TRP E 146 -3.78 -11.04 20.59
C TRP E 146 -3.00 -12.30 20.97
N THR E 147 -1.72 -12.14 21.30
CA THR E 147 -0.82 -13.27 21.58
C THR E 147 -0.26 -13.36 22.99
N HIS E 148 -0.32 -12.28 23.80
CA HIS E 148 0.22 -12.30 25.17
C HIS E 148 -0.83 -12.43 26.28
N HIS E 149 -0.64 -13.38 27.19
CA HIS E 149 -1.56 -13.56 28.33
C HIS E 149 -1.17 -12.65 29.51
N SER E 150 -1.93 -12.73 30.63
CA SER E 150 -1.78 -11.94 31.84
C SER E 150 -0.40 -11.92 32.44
N ARG E 151 0.34 -13.00 32.27
CA ARG E 151 1.69 -13.09 32.83
C ARG E 151 2.80 -12.51 31.97
N GLU E 152 2.47 -12.10 30.72
CA GLU E 152 3.38 -11.46 29.77
C GLU E 152 3.04 -10.00 29.65
N LEU E 153 1.76 -9.67 29.42
CA LEU E 153 1.31 -8.31 29.20
C LEU E 153 0.11 -8.05 30.09
N ASP E 154 0.30 -7.15 31.08
CA ASP E 154 -0.76 -6.75 32.03
C ASP E 154 -1.46 -5.47 31.55
N LEU E 155 -2.60 -5.63 30.88
CA LEU E 155 -3.42 -4.51 30.38
C LEU E 155 -4.08 -3.82 31.56
N GLN E 156 -3.91 -2.52 31.66
CA GLN E 156 -4.50 -1.75 32.74
C GLN E 156 -5.13 -0.54 32.17
N MET E 157 -6.23 -0.13 32.75
CA MET E 157 -6.79 1.06 32.17
C MET E 157 -6.40 2.33 32.88
N GLN E 158 -6.41 3.45 32.17
CA GLN E 158 -6.08 4.76 32.71
C GLN E 158 -7.24 5.74 32.45
N GLU E 159 -7.09 7.01 32.88
CA GLU E 159 -8.11 8.06 32.74
C GLU E 159 -8.81 8.25 31.36
N ALA E 160 -10.18 8.08 31.37
CA ALA E 160 -11.09 8.22 30.21
C ALA E 160 -11.56 9.70 30.01
N ASP E 161 -11.21 10.28 28.84
CA ASP E 161 -11.49 11.67 28.48
C ASP E 161 -12.63 11.83 27.45
N ILE E 162 -13.77 12.48 27.82
CA ILE E 162 -14.81 12.70 26.80
C ILE E 162 -14.96 14.19 26.36
N SER E 163 -13.91 14.97 26.69
CA SER E 163 -13.77 16.38 26.33
C SER E 163 -13.45 16.52 24.84
N GLY E 164 -12.79 15.51 24.28
CA GLY E 164 -12.39 15.47 22.88
C GLY E 164 -13.51 15.26 21.90
N TYR E 165 -14.71 14.85 22.36
CA TYR E 165 -15.87 14.59 21.50
C TYR E 165 -16.28 15.82 20.67
N ILE E 166 -16.36 15.65 19.34
CA ILE E 166 -16.74 16.71 18.40
C ILE E 166 -18.17 17.21 18.63
N PRO E 167 -18.31 18.52 18.91
CA PRO E 167 -19.65 19.10 19.21
C PRO E 167 -20.66 19.08 18.07
N TYR E 168 -20.21 19.27 16.81
CA TYR E 168 -21.08 19.21 15.62
C TYR E 168 -21.32 17.70 15.33
N SER E 169 -21.78 17.31 14.13
CA SER E 169 -22.07 15.87 13.85
C SER E 169 -23.46 15.45 14.33
N ARG E 170 -24.08 14.52 13.56
CA ARG E 170 -25.43 13.97 13.76
C ARG E 170 -25.63 13.27 15.07
N PHE E 171 -24.52 12.78 15.69
CA PHE E 171 -24.62 11.93 16.86
C PHE E 171 -24.28 12.55 18.18
N GLU E 172 -25.17 12.37 19.16
CA GLU E 172 -24.96 12.80 20.53
C GLU E 172 -24.67 11.57 21.40
N LEU E 173 -23.80 11.72 22.41
CA LEU E 173 -23.44 10.64 23.32
C LEU E 173 -24.40 10.49 24.51
N VAL E 174 -25.04 9.33 24.61
CA VAL E 174 -25.92 9.01 25.73
C VAL E 174 -25.03 8.60 26.90
N GLY E 175 -24.04 7.75 26.63
CA GLY E 175 -23.12 7.25 27.65
C GLY E 175 -21.89 6.54 27.10
N VAL E 176 -20.78 6.65 27.84
CA VAL E 176 -19.49 6.02 27.52
C VAL E 176 -18.93 5.32 28.76
N THR E 177 -18.53 4.06 28.60
CA THR E 177 -17.99 3.23 29.69
C THR E 177 -16.73 2.54 29.23
N GLN E 178 -15.80 2.31 30.16
CA GLN E 178 -14.57 1.57 29.94
C GLN E 178 -14.40 0.60 31.11
N LYS E 179 -14.22 -0.68 30.83
CA LYS E 179 -14.07 -1.71 31.86
C LYS E 179 -12.96 -2.70 31.48
N ARG E 180 -12.08 -3.03 32.44
CA ARG E 180 -11.07 -4.04 32.19
C ARG E 180 -11.49 -5.39 32.72
N SER E 181 -11.27 -6.43 31.93
CA SER E 181 -11.67 -7.78 32.31
C SER E 181 -10.54 -8.79 32.09
N GLU E 182 -10.63 -9.93 32.77
CA GLU E 182 -9.63 -11.01 32.75
C GLU E 182 -10.30 -12.31 32.26
N ARG E 183 -10.53 -12.44 30.94
CA ARG E 183 -11.19 -13.61 30.36
C ARG E 183 -10.31 -14.87 30.32
N PHE E 184 -10.90 -16.02 30.70
CA PHE E 184 -10.23 -17.31 30.56
C PHE E 184 -10.71 -17.97 29.28
N TYR E 185 -9.77 -18.55 28.50
CA TYR E 185 -10.14 -19.20 27.24
C TYR E 185 -9.84 -20.70 27.35
N GLU E 186 -10.72 -21.55 26.77
CA GLU E 186 -10.56 -23.01 26.82
C GLU E 186 -9.23 -23.54 26.25
N CYS E 187 -8.58 -22.69 25.45
CA CYS E 187 -7.30 -22.92 24.79
C CYS E 187 -6.14 -23.02 25.74
N CYS E 188 -6.11 -22.06 26.67
CA CYS E 188 -4.99 -21.61 27.47
C CYS E 188 -5.14 -21.64 28.96
N LYS E 189 -4.07 -22.07 29.66
CA LYS E 189 -4.01 -22.13 31.13
C LYS E 189 -4.18 -20.76 31.79
N GLU E 190 -3.53 -19.73 31.19
CA GLU E 190 -3.46 -18.33 31.65
C GLU E 190 -4.55 -17.40 31.09
N PRO E 191 -5.06 -16.45 31.92
CA PRO E 191 -6.11 -15.55 31.43
C PRO E 191 -5.61 -14.48 30.45
N TYR E 192 -6.55 -14.00 29.63
CA TYR E 192 -6.27 -12.94 28.66
C TYR E 192 -7.07 -11.71 29.07
N PRO E 193 -6.41 -10.64 29.59
CA PRO E 193 -7.16 -9.44 29.94
C PRO E 193 -7.58 -8.63 28.70
N ASP E 194 -8.63 -7.84 28.83
CA ASP E 194 -9.16 -6.97 27.78
C ASP E 194 -9.79 -5.70 28.35
N VAL E 195 -9.87 -4.67 27.54
CA VAL E 195 -10.55 -3.43 27.89
C VAL E 195 -11.72 -3.28 26.92
N THR E 196 -12.94 -3.09 27.43
CA THR E 196 -14.12 -2.93 26.60
C THR E 196 -14.58 -1.51 26.74
N PHE E 197 -14.64 -0.84 25.61
CA PHE E 197 -15.11 0.52 25.51
C PHE E 197 -16.58 0.41 25.06
N THR E 198 -17.54 0.89 25.88
CA THR E 198 -18.96 0.81 25.55
C THR E 198 -19.53 2.19 25.28
N VAL E 199 -20.12 2.40 24.08
CA VAL E 199 -20.73 3.67 23.66
C VAL E 199 -22.22 3.53 23.46
N THR E 200 -22.99 4.53 23.92
CA THR E 200 -24.41 4.62 23.66
C THR E 200 -24.61 5.98 23.00
N PHE E 201 -25.06 5.97 21.75
CA PHE E 201 -25.24 7.20 20.99
C PHE E 201 -26.58 7.20 20.25
N ARG E 202 -26.99 8.38 19.77
CA ARG E 202 -28.25 8.53 19.05
C ARG E 202 -28.20 9.73 18.11
N LYS E 203 -28.99 9.64 17.02
CA LYS E 203 -29.11 10.72 16.06
C LYS E 203 -29.79 11.90 16.76
N LYS E 204 -29.22 13.10 16.62
CA LYS E 204 -29.73 14.35 17.20
C LYS E 204 -31.08 14.77 16.58
N GLY E 205 -31.76 15.72 17.24
CA GLY E 205 -33.03 16.29 16.77
C GLY E 205 -32.87 17.20 15.57
#